data_7NE7
#
_entry.id   7NE7
#
_cell.length_a   73.320
_cell.length_b   101.100
_cell.length_c   108.760
_cell.angle_alpha   90.000
_cell.angle_beta   90.000
_cell.angle_gamma   90.000
#
_symmetry.space_group_name_H-M   'P 21 21 21'
#
loop_
_entity.id
_entity.type
_entity.pdbx_description
1 polymer 'Oligopeptidase B'
2 non-polymer SPERMINE
3 non-polymer N-[(1S)-5-amino-1-(chloroacetyl)pentyl]-4-methylbenzenesulfonamide
4 water water
#
_entity_poly.entity_id   1
_entity_poly.type   'polypeptide(L)'
_entity_poly.pdbx_seq_one_letter_code
;HMTPPKAEKRPYPITTHGDTRVDDYYWLRDDERTDPQVLDYLQAENAFTDAALKPQQALRETLYEEMVARENLYFQSVPY
VRHGYRYQTRFEPGNEYAIYVRQPQAESEHWDTLIDGNQRAEQREFYTLGGLEVSPDNQKLAVAEDFLSRRQYDIRFKNL
SDDSWTDEVLENTSGSFEWANDSATVYYVRKHAKTLLPYQVYRHVVGTDPQLDELIYEEQDDTFYVGLEKTTSDRFILIH
LSSTTTSEILLLDADRADSTPQMFVPRRKDHEYGIDHYHQHFYIRSNKDGKNFGLYQSEQADEAQWQTLIAPRIEVMLEG
FSLFRDWLVVEERSEGLTQLRQIHWQSGEVKRIAFDDPTYTTWLAYNPEPETELLRYGYSSMTTPTTLYELNLDSDERVM
LKQQEVKNFTPENYRSERVWVKARDGVEVPVSLVYRHDSFARGTNPLMVYGYGSYGSSMDPAFSASRLSLLDRGFVFVLA
HIRGGGELGQLWYEDGKLFKKQNTFNDFIDVTEALIAQGYGDAKRVFAMGGSAGGLLMGAVINQAPELFNGIVAQVPFVD
VVTTMLDESIPLTTGEYDEWGNPNQQAYYDYILQYSPYDQVKAQDYPHMLVTTGLHDSQVQYWEPAKWVAKLRELKTDDR
QLLLYTDMDSGHGGKSGRFKAYEDIALEYAFILALAE
;
_entity_poly.pdbx_strand_id   A
#
# COMPACT_ATOMS: atom_id res chain seq x y z
N HIS A 1 -0.52 35.70 16.28
CA HIS A 1 -1.87 35.84 16.92
C HIS A 1 -1.95 34.88 18.13
N MET A 2 -2.33 33.61 17.92
CA MET A 2 -2.89 32.73 18.97
C MET A 2 -1.79 31.88 19.63
N THR A 3 -1.97 31.63 20.92
CA THR A 3 -1.07 30.77 21.73
C THR A 3 -1.42 29.31 21.46
N PRO A 4 -0.47 28.51 20.91
CA PRO A 4 -0.68 27.09 20.68
C PRO A 4 -0.64 26.31 21.99
N PRO A 5 -1.27 25.12 22.02
CA PRO A 5 -1.12 24.21 23.14
C PRO A 5 0.34 23.96 23.51
N LYS A 6 0.57 23.79 24.81
CA LYS A 6 1.88 23.47 25.40
C LYS A 6 1.70 22.25 26.32
N ALA A 7 2.08 21.07 25.84
CA ALA A 7 2.08 19.83 26.62
C ALA A 7 3.06 19.96 27.80
N GLU A 8 2.65 19.42 28.95
CA GLU A 8 3.47 19.32 30.17
C GLU A 8 4.73 18.53 29.82
N LYS A 9 5.87 18.93 30.36
CA LYS A 9 7.12 18.16 30.23
C LYS A 9 7.21 17.23 31.44
N ARG A 10 7.44 15.94 31.23
CA ARG A 10 7.75 14.93 32.28
C ARG A 10 9.01 14.20 31.85
N PRO A 11 10.20 14.72 32.24
CA PRO A 11 11.47 14.13 31.79
C PRO A 11 11.44 12.62 32.06
N TYR A 12 11.52 11.81 31.00
CA TYR A 12 11.54 10.32 31.09
C TYR A 12 12.84 9.81 30.48
N PRO A 13 13.82 9.43 31.31
CA PRO A 13 15.11 8.99 30.78
C PRO A 13 15.02 7.58 30.17
N ILE A 14 15.67 7.43 29.01
CA ILE A 14 15.88 6.12 28.34
C ILE A 14 17.39 5.97 28.11
N THR A 15 17.99 4.99 28.77
CA THR A 15 19.45 4.75 28.72
C THR A 15 19.66 3.44 27.95
N THR A 16 20.46 3.47 26.88
CA THR A 16 20.82 2.22 26.15
C THR A 16 22.23 2.40 25.59
N HIS A 17 23.05 1.34 25.73
CA HIS A 17 24.50 1.36 25.46
C HIS A 17 25.18 2.53 26.21
N GLY A 18 24.73 2.86 27.43
CA GLY A 18 25.31 3.95 28.23
C GLY A 18 24.92 5.33 27.75
N ASP A 19 24.05 5.42 26.73
CA ASP A 19 23.55 6.69 26.17
C ASP A 19 22.17 7.01 26.76
N THR A 20 22.07 8.09 27.54
CA THR A 20 20.82 8.59 28.15
C THR A 20 20.19 9.65 27.23
N ARG A 21 18.99 9.36 26.70
CA ARG A 21 18.11 10.31 25.98
C ARG A 21 16.97 10.66 26.94
N VAL A 22 16.70 11.95 27.17
CA VAL A 22 15.59 12.38 28.05
C VAL A 22 14.38 12.73 27.18
N ASP A 23 13.30 11.97 27.28
CA ASP A 23 12.09 12.20 26.47
C ASP A 23 11.03 12.89 27.37
N ASP A 24 10.73 14.16 27.08
CA ASP A 24 9.84 15.00 27.93
C ASP A 24 8.36 14.66 27.71
N TYR A 25 8.04 13.87 26.68
CA TYR A 25 6.63 13.68 26.26
C TYR A 25 6.32 12.18 26.16
N TYR A 26 7.15 11.35 26.80
CA TYR A 26 6.96 9.87 26.83
C TYR A 26 5.50 9.57 27.18
N TRP A 27 4.96 10.33 28.14
CA TRP A 27 3.59 10.16 28.71
C TRP A 27 2.49 10.34 27.65
N LEU A 28 2.74 10.93 26.48
CA LEU A 28 1.64 11.11 25.48
C LEU A 28 1.23 9.73 24.95
N ARG A 29 2.12 8.75 25.13
CA ARG A 29 1.79 7.33 24.92
C ARG A 29 0.88 6.83 26.05
N ASP A 30 -0.36 6.47 25.74
CA ASP A 30 -1.22 5.80 26.73
C ASP A 30 -1.89 4.61 26.05
N ASP A 31 -1.34 3.41 26.26
CA ASP A 31 -1.78 2.21 25.51
C ASP A 31 -3.28 1.99 25.72
N GLU A 32 -3.80 2.42 26.87
CA GLU A 32 -5.21 2.19 27.26
C GLU A 32 -6.14 3.18 26.53
N ARG A 33 -5.68 4.39 26.22
CA ARG A 33 -6.44 5.51 25.57
C ARG A 33 -7.47 6.12 26.54
N THR A 34 -7.33 5.81 27.85
CA THR A 34 -8.09 6.40 28.99
C THR A 34 -7.57 7.80 29.33
N ASP A 35 -6.30 7.90 29.78
CA ASP A 35 -5.65 9.11 30.38
C ASP A 35 -6.25 10.36 29.74
N PRO A 36 -7.06 11.14 30.49
CA PRO A 36 -7.74 12.30 29.90
C PRO A 36 -6.78 13.48 29.68
N GLN A 37 -5.58 13.47 30.26
CA GLN A 37 -4.58 14.54 29.98
C GLN A 37 -3.96 14.36 28.60
N VAL A 38 -3.95 13.13 28.07
CA VAL A 38 -3.46 12.80 26.70
C VAL A 38 -4.55 13.25 25.73
N LEU A 39 -5.79 12.87 25.99
CA LEU A 39 -6.95 13.25 25.15
C LEU A 39 -7.01 14.79 25.12
N ASP A 40 -6.87 15.44 26.28
CA ASP A 40 -6.85 16.92 26.40
C ASP A 40 -5.83 17.53 25.43
N TYR A 41 -4.63 16.96 25.32
CA TYR A 41 -3.54 17.56 24.49
C TYR A 41 -3.93 17.39 23.02
N LEU A 42 -4.37 16.20 22.62
CA LEU A 42 -4.79 15.91 21.22
C LEU A 42 -6.00 16.78 20.88
N GLN A 43 -6.94 16.93 21.82
CA GLN A 43 -8.16 17.77 21.62
C GLN A 43 -7.76 19.24 21.53
N ALA A 44 -6.79 19.66 22.33
CA ALA A 44 -6.35 21.08 22.35
C ALA A 44 -5.68 21.40 21.01
N GLU A 45 -4.82 20.49 20.54
CA GLU A 45 -4.12 20.68 19.25
C GLU A 45 -5.15 20.70 18.11
N ASN A 46 -6.17 19.82 18.15
CA ASN A 46 -7.23 19.83 17.10
C ASN A 46 -7.93 21.18 17.09
N ALA A 47 -8.32 21.70 18.28
CA ALA A 47 -8.97 23.02 18.43
C ALA A 47 -8.04 24.09 17.86
N PHE A 48 -6.74 24.02 18.12
CA PHE A 48 -5.78 25.01 17.58
C PHE A 48 -5.73 24.91 16.04
N THR A 49 -5.76 23.70 15.47
CA THR A 49 -5.75 23.50 14.01
C THR A 49 -7.04 24.05 13.40
N ASP A 50 -8.21 23.71 13.94
CA ASP A 50 -9.52 24.22 13.46
C ASP A 50 -9.46 25.75 13.38
N ALA A 51 -8.93 26.40 14.40
CA ALA A 51 -8.93 27.88 14.48
C ALA A 51 -7.86 28.50 13.56
N ALA A 52 -6.66 27.94 13.52
CA ALA A 52 -5.57 28.39 12.62
C ALA A 52 -6.01 28.31 11.14
N LEU A 53 -6.78 27.29 10.76
CA LEU A 53 -7.14 27.01 9.34
C LEU A 53 -8.57 27.48 9.01
N LYS A 54 -9.28 28.12 9.93
CA LYS A 54 -10.68 28.58 9.74
C LYS A 54 -10.82 29.48 8.51
N PRO A 55 -9.86 30.37 8.20
CA PRO A 55 -9.97 31.22 7.01
C PRO A 55 -9.87 30.47 5.67
N GLN A 56 -9.43 29.20 5.68
CA GLN A 56 -9.28 28.38 4.44
C GLN A 56 -10.56 27.57 4.20
N GLN A 57 -11.60 27.78 4.98
CA GLN A 57 -12.84 27.01 4.78
C GLN A 57 -13.32 27.15 3.34
N ALA A 58 -13.43 28.36 2.80
CA ALA A 58 -13.98 28.59 1.44
C ALA A 58 -13.15 27.77 0.46
N LEU A 59 -11.84 27.95 0.49
CA LEU A 59 -10.89 27.18 -0.35
C LEU A 59 -11.09 25.67 -0.14
N ARG A 60 -11.22 25.17 1.10
CA ARG A 60 -11.43 23.72 1.36
C ARG A 60 -12.71 23.23 0.64
N GLU A 61 -13.76 24.05 0.62
CA GLU A 61 -15.05 23.72 -0.06
C GLU A 61 -14.86 23.70 -1.58
N THR A 62 -14.29 24.74 -2.18
CA THR A 62 -13.96 24.80 -3.62
C THR A 62 -13.18 23.55 -4.00
N LEU A 63 -12.17 23.18 -3.20
CA LEU A 63 -11.28 22.01 -3.47
C LEU A 63 -12.08 20.71 -3.32
N TYR A 64 -12.80 20.55 -2.22
CA TYR A 64 -13.65 19.37 -2.00
C TYR A 64 -14.60 19.20 -3.20
N GLU A 65 -15.31 20.24 -3.59
CA GLU A 65 -16.41 20.11 -4.59
C GLU A 65 -15.75 19.77 -5.93
N GLU A 66 -14.59 20.33 -6.24
CA GLU A 66 -14.01 20.13 -7.60
C GLU A 66 -13.38 18.73 -7.63
N MET A 67 -13.05 18.14 -6.49
CA MET A 67 -12.51 16.77 -6.51
C MET A 67 -13.68 15.79 -6.70
N VAL A 68 -14.79 15.99 -6.01
CA VAL A 68 -15.98 15.09 -6.10
C VAL A 68 -16.58 15.19 -7.52
N ALA A 69 -16.62 16.38 -8.12
CA ALA A 69 -17.27 16.62 -9.43
C ALA A 69 -16.49 15.96 -10.57
N ARG A 70 -15.24 15.52 -10.33
CA ARG A 70 -14.36 14.86 -11.33
C ARG A 70 -14.83 13.41 -11.56
N GLU A 71 -15.28 12.76 -10.47
CA GLU A 71 -15.62 11.32 -10.49
CA GLU A 71 -15.69 11.33 -10.32
C GLU A 71 -17.10 11.14 -10.86
N ASN A 72 -17.44 9.94 -11.35
CA ASN A 72 -18.84 9.52 -11.61
C ASN A 72 -19.54 9.22 -10.26
N LEU A 73 -20.87 9.21 -10.29
CA LEU A 73 -21.77 8.85 -9.16
C LEU A 73 -22.02 7.33 -9.24
N TYR A 74 -21.92 6.79 -10.47
CA TYR A 74 -22.06 5.36 -10.86
C TYR A 74 -20.66 4.77 -11.03
N PHE A 75 -20.47 3.52 -10.61
CA PHE A 75 -19.31 2.67 -11.00
C PHE A 75 -19.84 1.27 -11.32
N GLN A 76 -19.44 0.75 -12.46
CA GLN A 76 -19.66 -0.66 -12.85
C GLN A 76 -18.29 -1.24 -13.19
N SER A 77 -17.84 -2.28 -12.49
CA SER A 77 -16.56 -2.94 -12.80
C SER A 77 -16.64 -3.48 -14.23
N VAL A 78 -15.48 -3.76 -14.84
CA VAL A 78 -15.41 -4.58 -16.07
C VAL A 78 -15.79 -6.00 -15.66
N PRO A 79 -16.80 -6.60 -16.32
CA PRO A 79 -17.23 -7.94 -15.97
C PRO A 79 -16.05 -8.88 -16.25
N TYR A 80 -15.83 -9.84 -15.37
CA TYR A 80 -14.91 -10.97 -15.65
C TYR A 80 -15.66 -12.28 -15.53
N VAL A 81 -15.09 -13.31 -16.16
CA VAL A 81 -15.63 -14.69 -16.17
C VAL A 81 -14.73 -15.58 -15.32
N ARG A 82 -15.33 -16.37 -14.44
CA ARG A 82 -14.64 -17.41 -13.65
C ARG A 82 -15.59 -18.59 -13.51
N HIS A 83 -15.07 -19.80 -13.76
CA HIS A 83 -15.81 -21.08 -13.66
C HIS A 83 -17.22 -20.91 -14.26
N GLY A 84 -17.34 -20.33 -15.45
CA GLY A 84 -18.58 -20.33 -16.24
C GLY A 84 -19.62 -19.37 -15.71
N TYR A 85 -19.24 -18.37 -14.91
CA TYR A 85 -20.11 -17.26 -14.48
C TYR A 85 -19.40 -15.94 -14.70
N ARG A 86 -20.17 -14.92 -15.09
CA ARG A 86 -19.72 -13.52 -15.29
C ARG A 86 -20.07 -12.72 -14.02
N TYR A 87 -19.11 -11.96 -13.52
CA TYR A 87 -19.18 -11.20 -12.26
C TYR A 87 -19.01 -9.71 -12.58
N GLN A 88 -19.80 -8.88 -11.91
CA GLN A 88 -19.69 -7.41 -12.02
C GLN A 88 -19.95 -6.80 -10.64
N THR A 89 -19.32 -5.64 -10.39
CA THR A 89 -19.40 -4.86 -9.14
C THR A 89 -20.07 -3.55 -9.49
N ARG A 90 -21.11 -3.20 -8.75
CA ARG A 90 -22.05 -2.11 -9.13
C ARG A 90 -22.15 -1.16 -7.94
N PHE A 91 -21.79 0.10 -8.15
CA PHE A 91 -21.93 1.23 -7.19
C PHE A 91 -23.00 2.17 -7.73
N GLU A 92 -24.16 2.25 -7.06
CA GLU A 92 -25.28 3.12 -7.49
C GLU A 92 -25.21 4.38 -6.65
N PRO A 93 -25.71 5.54 -7.16
CA PRO A 93 -25.75 6.76 -6.37
C PRO A 93 -26.80 6.55 -5.26
N GLY A 94 -26.51 7.04 -4.06
CA GLY A 94 -27.38 6.88 -2.88
C GLY A 94 -26.94 5.73 -2.01
N ASN A 95 -26.37 4.67 -2.60
CA ASN A 95 -25.88 3.49 -1.84
C ASN A 95 -24.48 3.78 -1.27
N GLU A 96 -24.28 3.39 0.00
CA GLU A 96 -22.98 3.50 0.71
C GLU A 96 -22.01 2.41 0.21
N TYR A 97 -22.51 1.23 -0.19
CA TYR A 97 -21.63 0.06 -0.49
C TYR A 97 -21.95 -0.52 -1.86
N ALA A 98 -20.99 -1.27 -2.37
CA ALA A 98 -21.06 -2.00 -3.65
C ALA A 98 -22.11 -3.12 -3.53
N ILE A 99 -22.73 -3.44 -4.67
CA ILE A 99 -23.56 -4.65 -4.88
C ILE A 99 -22.78 -5.56 -5.83
N TYR A 100 -22.70 -6.85 -5.48
CA TYR A 100 -21.98 -7.91 -6.23
C TYR A 100 -23.00 -8.81 -6.94
N VAL A 101 -22.94 -8.85 -8.26
CA VAL A 101 -23.89 -9.63 -9.09
C VAL A 101 -23.12 -10.63 -9.95
N ARG A 102 -23.83 -11.62 -10.47
CA ARG A 102 -23.25 -12.57 -11.44
C ARG A 102 -24.34 -13.10 -12.35
N GLN A 103 -23.93 -13.76 -13.43
CA GLN A 103 -24.83 -14.53 -14.31
C GLN A 103 -24.03 -15.69 -14.90
N PRO A 104 -24.71 -16.79 -15.31
CA PRO A 104 -24.06 -17.81 -16.13
C PRO A 104 -23.45 -17.20 -17.41
N GLN A 105 -22.27 -17.68 -17.77
CA GLN A 105 -21.48 -17.06 -18.86
C GLN A 105 -22.34 -16.96 -20.13
N ALA A 106 -23.19 -17.96 -20.43
CA ALA A 106 -24.01 -18.00 -21.67
C ALA A 106 -25.23 -17.08 -21.58
N GLU A 107 -25.44 -16.41 -20.45
CA GLU A 107 -26.57 -15.48 -20.16
C GLU A 107 -26.09 -14.03 -20.38
N SER A 108 -26.98 -13.15 -20.86
CA SER A 108 -26.75 -11.68 -20.97
C SER A 108 -27.74 -10.89 -20.11
N GLU A 109 -29.00 -11.30 -20.10
CA GLU A 109 -30.13 -10.39 -19.78
C GLU A 109 -30.22 -10.19 -18.26
N HIS A 110 -30.29 -11.29 -17.51
CA HIS A 110 -30.56 -11.30 -16.04
C HIS A 110 -29.25 -11.49 -15.23
N TRP A 111 -29.19 -10.78 -14.10
CA TRP A 111 -28.10 -10.92 -13.12
C TRP A 111 -28.69 -11.25 -11.75
N ASP A 112 -28.04 -12.15 -11.01
CA ASP A 112 -28.41 -12.53 -9.63
C ASP A 112 -27.54 -11.68 -8.71
N THR A 113 -28.09 -11.20 -7.60
CA THR A 113 -27.31 -10.57 -6.51
C THR A 113 -26.63 -11.71 -5.74
N LEU A 114 -25.32 -11.63 -5.59
CA LEU A 114 -24.48 -12.49 -4.73
C LEU A 114 -24.55 -11.94 -3.30
N ILE A 115 -24.25 -10.65 -3.18
CA ILE A 115 -24.20 -9.94 -1.88
C ILE A 115 -24.36 -8.44 -2.12
N ASP A 116 -25.20 -7.81 -1.31
CA ASP A 116 -25.47 -6.34 -1.32
C ASP A 116 -24.90 -5.80 -0.02
N GLY A 117 -23.76 -5.13 -0.09
CA GLY A 117 -23.09 -4.49 1.06
C GLY A 117 -24.05 -3.67 1.90
N ASN A 118 -24.98 -2.95 1.29
CA ASN A 118 -25.96 -2.07 1.98
C ASN A 118 -26.84 -2.90 2.90
N GLN A 119 -27.32 -4.06 2.44
CA GLN A 119 -28.15 -4.97 3.30
CA GLN A 119 -28.14 -4.99 3.28
C GLN A 119 -27.26 -5.51 4.41
N ARG A 120 -25.98 -5.78 4.12
CA ARG A 120 -25.07 -6.44 5.08
C ARG A 120 -24.68 -5.45 6.18
N ALA A 121 -24.69 -4.15 5.87
CA ALA A 121 -24.23 -3.05 6.75
C ALA A 121 -25.38 -2.56 7.65
N GLU A 122 -26.63 -2.92 7.32
CA GLU A 122 -27.86 -2.51 8.08
C GLU A 122 -27.69 -2.89 9.55
N GLN A 123 -27.89 -1.93 10.47
CA GLN A 123 -27.80 -2.11 11.94
C GLN A 123 -26.39 -2.52 12.38
N ARG A 124 -25.36 -2.18 11.61
CA ARG A 124 -23.94 -2.37 12.02
C ARG A 124 -23.31 -0.98 12.07
N GLU A 125 -22.28 -0.81 12.89
CA GLU A 125 -21.56 0.48 13.04
C GLU A 125 -20.53 0.64 11.90
N PHE A 126 -20.01 -0.48 11.41
CA PHE A 126 -18.92 -0.53 10.39
C PHE A 126 -19.19 -1.74 9.48
N TYR A 127 -18.90 -1.56 8.20
CA TYR A 127 -18.87 -2.70 7.25
C TYR A 127 -17.70 -2.52 6.31
N THR A 128 -16.94 -3.60 6.12
CA THR A 128 -15.98 -3.77 5.01
C THR A 128 -16.01 -5.23 4.55
N LEU A 129 -16.16 -5.42 3.24
CA LEU A 129 -16.08 -6.73 2.55
C LEU A 129 -14.61 -7.01 2.25
N GLY A 130 -13.95 -7.84 3.07
CA GLY A 130 -12.56 -8.26 2.89
C GLY A 130 -12.40 -9.28 1.78
N GLY A 131 -13.43 -10.05 1.43
CA GLY A 131 -13.27 -11.18 0.50
C GLY A 131 -14.59 -11.83 0.11
N LEU A 132 -14.63 -12.41 -1.08
CA LEU A 132 -15.84 -12.93 -1.77
C LEU A 132 -15.37 -14.04 -2.72
N GLU A 133 -15.84 -15.28 -2.58
CA GLU A 133 -15.46 -16.34 -3.55
C GLU A 133 -16.50 -17.46 -3.57
N VAL A 134 -17.02 -17.77 -4.75
CA VAL A 134 -17.96 -18.89 -4.94
C VAL A 134 -17.13 -20.17 -4.98
N SER A 135 -17.68 -21.23 -4.40
CA SER A 135 -17.16 -22.60 -4.42
C SER A 135 -17.01 -23.05 -5.88
N PRO A 136 -16.09 -23.98 -6.16
CA PRO A 136 -15.92 -24.52 -7.51
C PRO A 136 -17.22 -25.02 -8.17
N ASP A 137 -18.17 -25.56 -7.42
CA ASP A 137 -19.39 -26.18 -7.99
C ASP A 137 -20.45 -25.07 -8.18
N ASN A 138 -20.11 -23.83 -7.85
CA ASN A 138 -20.94 -22.65 -8.12
C ASN A 138 -22.16 -22.62 -7.19
N GLN A 139 -22.20 -23.44 -6.13
CA GLN A 139 -23.37 -23.55 -5.22
C GLN A 139 -23.21 -22.71 -3.94
N LYS A 140 -22.00 -22.45 -3.47
CA LYS A 140 -21.86 -21.74 -2.16
C LYS A 140 -21.00 -20.50 -2.32
N LEU A 141 -21.34 -19.47 -1.57
CA LEU A 141 -20.61 -18.19 -1.54
C LEU A 141 -19.99 -18.03 -0.16
N ALA A 142 -18.65 -17.94 -0.11
CA ALA A 142 -17.88 -17.59 1.09
C ALA A 142 -17.67 -16.09 1.06
N VAL A 143 -17.85 -15.42 2.19
CA VAL A 143 -17.60 -13.94 2.34
C VAL A 143 -16.77 -13.73 3.60
N ALA A 144 -15.79 -12.83 3.52
CA ALA A 144 -14.98 -12.34 4.65
C ALA A 144 -15.41 -10.90 4.95
N GLU A 145 -16.02 -10.67 6.12
CA GLU A 145 -16.62 -9.36 6.47
C GLU A 145 -16.05 -8.88 7.80
N ASP A 146 -15.83 -7.57 7.91
CA ASP A 146 -15.38 -6.90 9.15
C ASP A 146 -16.49 -5.95 9.60
N PHE A 147 -17.10 -6.22 10.74
CA PHE A 147 -18.15 -5.35 11.31
C PHE A 147 -17.57 -4.47 12.43
N LEU A 148 -16.27 -4.54 12.75
CA LEU A 148 -15.69 -3.78 13.91
C LEU A 148 -14.54 -2.84 13.49
N SER A 149 -14.07 -2.91 12.24
CA SER A 149 -12.98 -2.07 11.66
C SER A 149 -11.61 -2.36 12.30
N ARG A 150 -11.45 -3.44 13.06
CA ARG A 150 -10.12 -3.85 13.58
C ARG A 150 -9.44 -4.83 12.58
N ARG A 151 -10.05 -5.03 11.41
CA ARG A 151 -9.56 -5.93 10.32
C ARG A 151 -9.43 -7.36 10.87
N GLN A 152 -10.33 -7.75 11.77
CA GLN A 152 -10.62 -9.16 12.15
C GLN A 152 -11.88 -9.61 11.39
N TYR A 153 -11.71 -10.43 10.36
CA TYR A 153 -12.81 -10.84 9.46
C TYR A 153 -13.52 -12.08 10.00
N ASP A 154 -14.84 -12.01 9.93
CA ASP A 154 -15.79 -13.13 10.08
C ASP A 154 -15.97 -13.76 8.69
N ILE A 155 -15.89 -15.09 8.60
CA ILE A 155 -16.22 -15.80 7.35
C ILE A 155 -17.59 -16.46 7.51
N ARG A 156 -18.51 -16.18 6.58
CA ARG A 156 -19.83 -16.85 6.54
C ARG A 156 -20.06 -17.42 5.13
N PHE A 157 -21.03 -18.32 5.04
CA PHE A 157 -21.36 -19.12 3.84
C PHE A 157 -22.82 -18.94 3.47
N LYS A 158 -23.07 -18.74 2.19
CA LYS A 158 -24.43 -18.59 1.62
C LYS A 158 -24.67 -19.69 0.59
N ASN A 159 -25.79 -20.41 0.70
CA ASN A 159 -26.29 -21.35 -0.32
C ASN A 159 -26.91 -20.53 -1.45
N LEU A 160 -26.37 -20.61 -2.66
CA LEU A 160 -26.89 -19.79 -3.76
C LEU A 160 -28.26 -20.34 -4.24
N SER A 161 -28.53 -21.63 -4.09
CA SER A 161 -29.79 -22.28 -4.57
C SER A 161 -31.03 -21.53 -4.07
N ASP A 162 -31.10 -21.19 -2.78
CA ASP A 162 -32.29 -20.55 -2.16
C ASP A 162 -31.90 -19.29 -1.39
N ASP A 163 -30.68 -18.78 -1.52
CA ASP A 163 -30.26 -17.49 -0.91
C ASP A 163 -30.29 -17.57 0.62
N SER A 164 -30.23 -18.75 1.20
CA SER A 164 -30.21 -18.92 2.68
C SER A 164 -28.75 -18.94 3.17
N TRP A 165 -28.53 -18.39 4.36
CA TRP A 165 -27.21 -18.40 5.03
C TRP A 165 -27.10 -19.66 5.88
N THR A 166 -25.89 -20.17 5.95
CA THR A 166 -25.46 -21.28 6.82
C THR A 166 -25.45 -20.70 8.24
N ASP A 167 -25.34 -21.53 9.29
CA ASP A 167 -25.57 -21.06 10.68
C ASP A 167 -24.25 -20.61 11.35
N GLU A 168 -23.09 -21.08 10.88
CA GLU A 168 -21.80 -20.84 11.58
C GLU A 168 -21.14 -19.53 11.11
N VAL A 169 -20.18 -19.06 11.87
CA VAL A 169 -19.27 -17.96 11.48
C VAL A 169 -17.86 -18.38 11.87
N LEU A 170 -16.89 -18.21 10.99
CA LEU A 170 -15.47 -18.38 11.37
C LEU A 170 -15.00 -17.00 11.82
N GLU A 171 -14.49 -16.89 13.05
CA GLU A 171 -14.21 -15.59 13.72
C GLU A 171 -12.70 -15.36 13.82
N ASN A 172 -12.29 -14.09 13.98
N ASN A 172 -12.31 -14.08 13.81
CA ASN A 172 -10.88 -13.61 14.06
CA ASN A 172 -10.93 -13.57 14.05
C ASN A 172 -10.05 -14.30 12.98
C ASN A 172 -9.99 -14.14 12.98
N THR A 173 -10.43 -14.13 11.70
CA THR A 173 -9.64 -14.58 10.53
C THR A 173 -8.98 -13.37 9.85
N SER A 174 -7.95 -13.66 9.05
CA SER A 174 -7.27 -12.67 8.15
C SER A 174 -8.15 -12.35 6.94
N GLY A 175 -9.23 -13.11 6.73
CA GLY A 175 -10.08 -13.03 5.54
C GLY A 175 -9.51 -13.85 4.39
N SER A 176 -8.36 -14.50 4.60
CA SER A 176 -7.68 -15.37 3.62
C SER A 176 -8.25 -16.80 3.77
N PHE A 177 -8.84 -17.35 2.71
CA PHE A 177 -9.47 -18.69 2.69
C PHE A 177 -9.45 -19.28 1.28
N GLU A 178 -9.60 -20.59 1.19
CA GLU A 178 -9.65 -21.31 -0.11
C GLU A 178 -10.61 -22.50 0.03
N TRP A 179 -11.32 -22.76 -1.06
CA TRP A 179 -12.16 -23.97 -1.23
C TRP A 179 -11.29 -25.15 -1.65
N ALA A 180 -11.46 -26.30 -1.01
CA ALA A 180 -11.11 -27.60 -1.60
C ALA A 180 -12.02 -27.81 -2.82
N ASN A 181 -11.63 -28.74 -3.69
CA ASN A 181 -12.34 -29.00 -4.96
C ASN A 181 -13.67 -29.75 -4.70
N ASP A 182 -14.01 -30.12 -3.46
CA ASP A 182 -15.30 -30.79 -3.09
C ASP A 182 -16.43 -29.78 -2.85
N SER A 183 -16.11 -28.47 -2.82
CA SER A 183 -17.07 -27.36 -2.64
C SER A 183 -17.74 -27.46 -1.26
N ALA A 184 -17.10 -28.18 -0.34
CA ALA A 184 -17.65 -28.51 1.00
C ALA A 184 -16.64 -28.17 2.11
N THR A 185 -15.34 -28.10 1.79
CA THR A 185 -14.23 -27.87 2.75
C THR A 185 -13.52 -26.55 2.38
N VAL A 186 -13.30 -25.65 3.36
CA VAL A 186 -12.48 -24.41 3.17
C VAL A 186 -11.34 -24.42 4.18
N TYR A 187 -10.16 -24.05 3.73
CA TYR A 187 -9.01 -23.72 4.60
C TYR A 187 -9.06 -22.21 4.82
N TYR A 188 -8.68 -21.75 6.02
CA TYR A 188 -8.72 -20.33 6.44
C TYR A 188 -7.62 -20.06 7.47
N VAL A 189 -7.24 -18.79 7.59
CA VAL A 189 -6.14 -18.34 8.48
C VAL A 189 -6.75 -17.65 9.71
N ARG A 190 -6.48 -18.17 10.91
CA ARG A 190 -6.87 -17.50 12.18
C ARG A 190 -5.76 -16.53 12.60
N LYS A 191 -6.13 -15.41 13.21
CA LYS A 191 -5.16 -14.49 13.86
C LYS A 191 -5.02 -14.83 15.34
N HIS A 192 -3.83 -14.56 15.88
CA HIS A 192 -3.50 -14.63 17.33
C HIS A 192 -4.49 -13.75 18.07
N ALA A 193 -5.21 -14.31 19.05
CA ALA A 193 -6.24 -13.58 19.85
C ALA A 193 -5.51 -12.72 20.88
N LYS A 194 -4.69 -11.76 20.43
CA LYS A 194 -3.85 -10.87 21.28
C LYS A 194 -3.00 -9.96 20.38
N THR A 195 -2.09 -10.56 19.60
CA THR A 195 -1.21 -9.87 18.62
C THR A 195 -1.97 -9.63 17.31
N LEU A 196 -2.99 -10.46 17.03
CA LEU A 196 -3.82 -10.43 15.79
C LEU A 196 -2.95 -10.70 14.57
N LEU A 197 -1.77 -11.29 14.78
CA LEU A 197 -0.92 -11.78 13.67
C LEU A 197 -1.52 -13.09 13.16
N PRO A 198 -1.56 -13.26 11.81
CA PRO A 198 -2.04 -14.50 11.20
C PRO A 198 -1.01 -15.58 11.50
N TYR A 199 -1.45 -16.75 11.97
CA TYR A 199 -0.53 -17.74 12.59
C TYR A 199 -1.07 -19.16 12.54
N GLN A 200 -2.39 -19.36 12.40
CA GLN A 200 -2.95 -20.74 12.30
C GLN A 200 -3.76 -20.92 11.01
N VAL A 201 -3.63 -22.09 10.39
CA VAL A 201 -4.49 -22.57 9.27
C VAL A 201 -5.42 -23.66 9.81
N TYR A 202 -6.72 -23.52 9.56
CA TYR A 202 -7.78 -24.47 9.95
C TYR A 202 -8.49 -25.00 8.70
N ARG A 203 -8.96 -26.25 8.78
CA ARG A 203 -9.90 -26.83 7.79
C ARG A 203 -11.30 -26.81 8.40
N HIS A 204 -12.28 -26.30 7.66
CA HIS A 204 -13.71 -26.18 8.09
C HIS A 204 -14.60 -26.88 7.07
N VAL A 205 -15.39 -27.85 7.51
CA VAL A 205 -16.51 -28.39 6.70
C VAL A 205 -17.63 -27.36 6.78
N VAL A 206 -18.11 -26.87 5.64
CA VAL A 206 -19.19 -25.83 5.57
C VAL A 206 -20.44 -26.40 6.25
N GLY A 207 -21.17 -25.53 6.99
CA GLY A 207 -22.42 -25.86 7.68
C GLY A 207 -22.22 -26.40 9.10
N THR A 208 -21.01 -26.84 9.46
CA THR A 208 -20.71 -27.52 10.74
C THR A 208 -20.23 -26.51 11.79
N ASP A 209 -20.03 -27.01 13.02
CA ASP A 209 -19.59 -26.21 14.18
C ASP A 209 -18.10 -25.90 14.04
N PRO A 210 -17.69 -24.61 13.96
CA PRO A 210 -16.26 -24.26 13.89
C PRO A 210 -15.43 -24.95 14.99
N GLN A 211 -16.11 -25.38 16.06
CA GLN A 211 -15.54 -26.21 17.16
C GLN A 211 -14.87 -27.46 16.60
N LEU A 212 -15.44 -28.09 15.58
CA LEU A 212 -14.91 -29.36 14.98
C LEU A 212 -13.76 -29.07 14.01
N ASP A 213 -13.40 -27.81 13.74
CA ASP A 213 -12.39 -27.46 12.69
C ASP A 213 -11.03 -28.00 13.14
N GLU A 214 -10.30 -28.64 12.22
CA GLU A 214 -9.00 -29.28 12.53
C GLU A 214 -7.86 -28.27 12.34
N LEU A 215 -6.94 -28.20 13.29
CA LEU A 215 -5.74 -27.34 13.16
C LEU A 215 -4.83 -28.04 12.17
N ILE A 216 -4.48 -27.38 11.07
CA ILE A 216 -3.67 -27.95 9.95
C ILE A 216 -2.21 -27.48 10.09
N TYR A 217 -1.99 -26.20 10.37
CA TYR A 217 -0.62 -25.68 10.54
C TYR A 217 -0.60 -24.52 11.54
N GLU A 218 0.44 -24.45 12.36
CA GLU A 218 0.75 -23.30 13.25
C GLU A 218 2.17 -22.77 12.97
N GLU A 219 2.28 -21.50 12.61
CA GLU A 219 3.58 -20.82 12.39
C GLU A 219 4.18 -20.45 13.76
N GLN A 220 5.47 -20.74 13.96
CA GLN A 220 6.16 -20.55 15.27
C GLN A 220 6.78 -19.14 15.34
N ASP A 221 7.29 -18.61 14.23
CA ASP A 221 7.96 -17.28 14.15
C ASP A 221 6.91 -16.23 13.68
N ASP A 222 6.52 -15.28 14.55
CA ASP A 222 5.39 -14.35 14.27
C ASP A 222 5.83 -13.29 13.26
N THR A 223 7.08 -13.33 12.79
CA THR A 223 7.58 -12.47 11.69
C THR A 223 7.22 -13.07 10.33
N PHE A 224 6.83 -14.35 10.28
CA PHE A 224 6.31 -14.98 9.03
C PHE A 224 4.79 -14.78 8.97
N TYR A 225 4.34 -13.87 8.12
CA TYR A 225 2.93 -13.72 7.70
C TYR A 225 2.44 -15.08 7.15
N VAL A 226 1.20 -15.46 7.48
CA VAL A 226 0.57 -16.71 6.99
C VAL A 226 -0.57 -16.35 6.05
N GLY A 227 -0.46 -16.73 4.77
CA GLY A 227 -1.48 -16.55 3.73
C GLY A 227 -1.81 -17.85 3.04
N LEU A 228 -3.04 -17.98 2.53
CA LEU A 228 -3.44 -19.10 1.63
C LEU A 228 -3.56 -18.62 0.18
N GLU A 229 -3.21 -19.52 -0.74
CA GLU A 229 -3.31 -19.38 -2.21
C GLU A 229 -3.86 -20.71 -2.74
N LYS A 230 -4.39 -20.70 -3.97
CA LYS A 230 -4.78 -21.93 -4.73
C LYS A 230 -4.08 -21.87 -6.07
N THR A 231 -3.48 -22.97 -6.50
CA THR A 231 -2.68 -23.00 -7.74
C THR A 231 -3.63 -22.84 -8.94
N THR A 232 -3.11 -22.33 -10.05
CA THR A 232 -3.86 -22.19 -11.32
C THR A 232 -4.46 -23.55 -11.71
N SER A 233 -3.70 -24.62 -11.51
CA SER A 233 -4.09 -26.03 -11.79
C SER A 233 -5.29 -26.44 -10.92
N ASP A 234 -5.44 -25.87 -9.72
CA ASP A 234 -6.47 -26.30 -8.73
C ASP A 234 -6.01 -27.57 -8.01
N ARG A 235 -4.80 -28.05 -8.24
CA ARG A 235 -4.32 -29.31 -7.60
C ARG A 235 -3.92 -29.06 -6.15
N PHE A 236 -3.44 -27.86 -5.83
CA PHE A 236 -2.83 -27.57 -4.51
C PHE A 236 -3.40 -26.29 -3.94
N ILE A 237 -3.72 -26.33 -2.66
CA ILE A 237 -3.84 -25.10 -1.83
C ILE A 237 -2.48 -24.89 -1.16
N LEU A 238 -1.97 -23.66 -1.26
CA LEU A 238 -0.62 -23.26 -0.81
C LEU A 238 -0.72 -22.54 0.53
N ILE A 239 -0.03 -23.03 1.55
CA ILE A 239 0.23 -22.28 2.81
C ILE A 239 1.48 -21.45 2.55
N HIS A 240 1.32 -20.14 2.35
CA HIS A 240 2.41 -19.18 2.02
C HIS A 240 2.87 -18.48 3.30
N LEU A 241 4.08 -18.79 3.70
CA LEU A 241 4.75 -18.26 4.91
C LEU A 241 5.80 -17.29 4.40
N SER A 242 5.82 -16.03 4.85
CA SER A 242 6.89 -15.09 4.44
C SER A 242 7.11 -13.99 5.48
N SER A 243 8.38 -13.72 5.78
CA SER A 243 8.87 -12.46 6.39
C SER A 243 9.24 -11.52 5.24
N THR A 244 9.85 -10.37 5.55
CA THR A 244 10.21 -9.35 4.54
C THR A 244 11.34 -9.94 3.68
N THR A 245 12.09 -10.90 4.24
CA THR A 245 13.36 -11.44 3.68
C THR A 245 13.19 -12.86 3.14
N THR A 246 12.28 -13.67 3.69
CA THR A 246 12.39 -15.15 3.70
C THR A 246 11.02 -15.84 3.55
N SER A 247 10.91 -16.84 2.67
CA SER A 247 9.64 -17.52 2.28
C SER A 247 9.70 -19.02 2.62
N GLU A 248 8.52 -19.63 2.67
CA GLU A 248 8.39 -21.10 2.77
C GLU A 248 6.95 -21.43 2.36
N ILE A 249 6.76 -22.40 1.48
CA ILE A 249 5.39 -22.79 1.00
C ILE A 249 5.16 -24.24 1.39
N LEU A 250 4.01 -24.57 1.95
CA LEU A 250 3.59 -25.97 2.19
C LEU A 250 2.43 -26.28 1.25
N LEU A 251 2.36 -27.53 0.78
CA LEU A 251 1.33 -27.96 -0.20
C LEU A 251 0.20 -28.69 0.53
N LEU A 252 -1.05 -28.30 0.24
CA LEU A 252 -2.26 -29.06 0.61
C LEU A 252 -2.88 -29.64 -0.67
N ASP A 253 -3.09 -30.93 -0.72
CA ASP A 253 -3.78 -31.61 -1.84
C ASP A 253 -5.23 -31.15 -1.77
N ALA A 254 -5.70 -30.51 -2.84
CA ALA A 254 -7.03 -29.87 -2.88
C ALA A 254 -8.10 -30.87 -3.34
N ASP A 255 -7.71 -32.11 -3.64
CA ASP A 255 -8.60 -33.16 -4.23
C ASP A 255 -8.99 -34.22 -3.19
N ARG A 256 -8.19 -34.45 -2.15
CA ARG A 256 -8.36 -35.61 -1.25
C ARG A 256 -8.65 -35.13 0.18
N ALA A 257 -9.46 -35.91 0.89
CA ALA A 257 -9.73 -35.83 2.34
C ALA A 257 -8.43 -35.99 3.14
N ASP A 258 -8.35 -35.36 4.31
CA ASP A 258 -7.33 -35.67 5.35
C ASP A 258 -5.92 -35.29 4.85
N SER A 259 -5.81 -34.32 3.94
CA SER A 259 -4.52 -33.74 3.47
C SER A 259 -3.73 -33.17 4.65
N THR A 260 -2.41 -33.33 4.67
CA THR A 260 -1.53 -32.63 5.63
C THR A 260 -0.50 -31.84 4.84
N PRO A 261 0.06 -30.76 5.40
CA PRO A 261 1.02 -29.91 4.69
C PRO A 261 2.29 -30.64 4.25
N GLN A 262 2.64 -30.51 2.98
CA GLN A 262 3.84 -31.15 2.37
C GLN A 262 4.85 -30.02 2.11
N MET A 263 5.96 -30.04 2.84
CA MET A 263 7.04 -29.07 2.66
C MET A 263 7.33 -28.97 1.16
N PHE A 264 7.49 -27.76 0.65
CA PHE A 264 8.12 -27.48 -0.66
C PHE A 264 9.63 -27.35 -0.42
N VAL A 265 10.14 -26.12 -0.22
CA VAL A 265 11.56 -25.87 0.15
C VAL A 265 11.58 -25.19 1.51
N PRO A 266 12.25 -25.78 2.52
CA PRO A 266 12.26 -25.22 3.87
C PRO A 266 12.93 -23.84 3.89
N ARG A 267 12.41 -22.95 4.73
CA ARG A 267 12.88 -21.56 4.86
C ARG A 267 14.38 -21.54 5.02
N ARG A 268 14.98 -20.48 4.51
CA ARG A 268 16.43 -20.24 4.53
C ARG A 268 16.59 -18.73 4.36
N LYS A 269 17.15 -18.06 5.36
CA LYS A 269 17.40 -16.59 5.42
C LYS A 269 17.71 -16.06 4.02
N ASP A 270 16.98 -15.01 3.59
CA ASP A 270 17.30 -14.19 2.38
C ASP A 270 17.02 -14.98 1.10
N HIS A 271 16.32 -16.11 1.18
CA HIS A 271 15.74 -16.81 0.00
C HIS A 271 14.24 -16.51 0.01
N GLU A 272 13.80 -15.73 -0.97
CA GLU A 272 12.36 -15.41 -1.15
C GLU A 272 11.93 -16.18 -2.39
N TYR A 273 10.80 -16.88 -2.30
CA TYR A 273 10.27 -17.69 -3.42
C TYR A 273 8.76 -17.74 -3.26
N GLY A 274 8.06 -17.76 -4.40
CA GLY A 274 6.61 -17.96 -4.53
C GLY A 274 6.40 -18.91 -5.68
N ILE A 275 5.36 -19.73 -5.63
CA ILE A 275 5.18 -20.78 -6.68
C ILE A 275 3.75 -20.72 -7.21
N ASP A 276 3.57 -21.34 -8.38
CA ASP A 276 2.27 -21.80 -8.90
C ASP A 276 2.47 -23.22 -9.46
N HIS A 277 1.38 -23.84 -9.89
CA HIS A 277 1.39 -25.19 -10.51
C HIS A 277 0.45 -25.17 -11.72
N TYR A 278 0.92 -25.63 -12.87
CA TYR A 278 0.20 -25.58 -14.17
C TYR A 278 0.95 -26.44 -15.18
N HIS A 279 0.24 -27.05 -16.14
CA HIS A 279 0.86 -27.92 -17.16
C HIS A 279 1.77 -28.97 -16.49
N GLN A 280 1.35 -29.49 -15.34
CA GLN A 280 2.00 -30.59 -14.57
C GLN A 280 3.38 -30.12 -14.08
N HIS A 281 3.65 -28.80 -14.01
CA HIS A 281 4.93 -28.27 -13.48
C HIS A 281 4.68 -27.29 -12.34
N PHE A 282 5.66 -27.15 -11.45
CA PHE A 282 5.76 -25.99 -10.55
C PHE A 282 6.51 -24.88 -11.31
N TYR A 283 6.05 -23.65 -11.16
CA TYR A 283 6.74 -22.42 -11.63
C TYR A 283 7.16 -21.64 -10.39
N ILE A 284 8.42 -21.24 -10.28
CA ILE A 284 8.96 -20.61 -9.05
C ILE A 284 9.67 -19.30 -9.43
N ARG A 285 9.20 -18.20 -8.87
CA ARG A 285 9.91 -16.90 -8.84
C ARG A 285 10.76 -16.94 -7.59
N SER A 286 12.10 -16.88 -7.70
CA SER A 286 13.04 -17.07 -6.57
C SER A 286 14.25 -16.17 -6.72
N ASN A 287 14.77 -15.66 -5.61
CA ASN A 287 16.03 -14.86 -5.60
C ASN A 287 17.24 -15.74 -5.25
N LYS A 288 17.16 -17.07 -5.39
CA LYS A 288 18.20 -17.96 -4.81
C LYS A 288 19.57 -17.65 -5.44
N ASP A 289 19.61 -17.20 -6.70
CA ASP A 289 20.85 -17.01 -7.49
C ASP A 289 21.07 -15.51 -7.75
N GLY A 290 20.14 -14.66 -7.36
CA GLY A 290 20.22 -13.23 -7.68
C GLY A 290 19.12 -12.42 -7.01
N LYS A 291 19.47 -11.23 -6.58
CA LYS A 291 18.56 -10.37 -5.79
C LYS A 291 17.43 -9.88 -6.69
N ASN A 292 17.62 -9.81 -8.01
CA ASN A 292 16.58 -9.28 -8.94
C ASN A 292 15.60 -10.40 -9.38
N PHE A 293 15.80 -11.63 -8.89
CA PHE A 293 14.90 -12.81 -9.03
C PHE A 293 15.02 -13.46 -10.40
N GLY A 294 14.84 -14.78 -10.40
CA GLY A 294 14.64 -15.55 -11.64
C GLY A 294 13.32 -16.30 -11.59
N LEU A 295 12.97 -16.95 -12.69
CA LEU A 295 11.79 -17.81 -12.82
C LEU A 295 12.28 -19.21 -13.21
N TYR A 296 11.86 -20.20 -12.45
CA TYR A 296 12.28 -21.61 -12.61
C TYR A 296 11.05 -22.46 -12.88
N GLN A 297 11.27 -23.60 -13.53
CA GLN A 297 10.29 -24.71 -13.67
C GLN A 297 10.87 -25.93 -12.92
N SER A 298 10.03 -26.70 -12.24
CA SER A 298 10.42 -27.99 -11.61
C SER A 298 9.23 -28.96 -11.67
N GLU A 299 9.52 -30.26 -11.66
CA GLU A 299 8.54 -31.40 -11.58
C GLU A 299 8.22 -31.69 -10.10
N GLN A 300 9.08 -31.21 -9.20
CA GLN A 300 8.99 -31.53 -7.76
C GLN A 300 9.61 -30.39 -6.92
N ALA A 301 9.49 -30.53 -5.60
CA ALA A 301 9.88 -29.54 -4.56
C ALA A 301 11.37 -29.23 -4.67
N ASP A 302 12.24 -30.25 -4.67
CA ASP A 302 13.70 -30.15 -4.41
C ASP A 302 14.33 -29.04 -5.27
N GLU A 303 14.87 -28.04 -4.59
CA GLU A 303 15.54 -26.85 -5.17
C GLU A 303 16.60 -27.23 -6.21
N ALA A 304 17.34 -28.31 -5.98
CA ALA A 304 18.38 -28.87 -6.89
C ALA A 304 17.82 -29.18 -8.30
N GLN A 305 16.52 -29.48 -8.45
CA GLN A 305 15.88 -29.81 -9.76
C GLN A 305 15.23 -28.58 -10.40
N TRP A 306 15.34 -27.38 -9.82
CA TRP A 306 14.76 -26.15 -10.43
C TRP A 306 15.55 -25.84 -11.71
N GLN A 307 14.86 -25.84 -12.85
CA GLN A 307 15.41 -25.46 -14.17
C GLN A 307 15.13 -23.97 -14.41
N THR A 308 16.15 -23.23 -14.84
CA THR A 308 16.10 -21.78 -15.15
C THR A 308 15.30 -21.56 -16.44
N LEU A 309 14.15 -20.91 -16.33
CA LEU A 309 13.46 -20.28 -17.49
C LEU A 309 14.06 -18.89 -17.73
N ILE A 310 14.08 -18.06 -16.68
CA ILE A 310 14.59 -16.66 -16.74
C ILE A 310 15.64 -16.55 -15.65
N ALA A 311 16.89 -16.29 -16.02
CA ALA A 311 17.98 -16.11 -15.04
C ALA A 311 17.86 -14.72 -14.45
N PRO A 312 18.32 -14.47 -13.21
CA PRO A 312 18.27 -13.13 -12.64
C PRO A 312 19.22 -12.24 -13.47
N ARG A 313 18.84 -10.99 -13.71
CA ARG A 313 19.68 -9.99 -14.45
C ARG A 313 19.82 -8.76 -13.56
N ILE A 314 21.03 -8.18 -13.49
CA ILE A 314 21.32 -7.02 -12.60
C ILE A 314 20.50 -5.81 -13.04
N GLU A 315 20.17 -5.69 -14.33
CA GLU A 315 19.50 -4.50 -14.93
C GLU A 315 17.97 -4.66 -15.00
N VAL A 316 17.41 -5.85 -14.74
CA VAL A 316 15.95 -6.15 -14.86
C VAL A 316 15.48 -6.79 -13.57
N MET A 317 14.57 -6.13 -12.84
CA MET A 317 13.88 -6.74 -11.67
C MET A 317 12.67 -7.55 -12.17
N LEU A 318 12.53 -8.80 -11.73
CA LEU A 318 11.37 -9.70 -12.02
C LEU A 318 10.43 -9.55 -10.85
N GLU A 319 9.25 -8.97 -11.05
CA GLU A 319 8.27 -8.69 -9.97
C GLU A 319 7.19 -9.77 -9.87
N GLY A 320 6.77 -10.36 -10.98
CA GLY A 320 5.67 -11.33 -10.95
C GLY A 320 5.43 -11.93 -12.32
N PHE A 321 4.51 -12.89 -12.37
CA PHE A 321 4.21 -13.67 -13.59
C PHE A 321 2.75 -14.14 -13.54
N SER A 322 2.18 -14.31 -14.74
CA SER A 322 0.91 -15.03 -14.96
C SER A 322 1.15 -16.17 -15.95
N LEU A 323 0.38 -17.26 -15.81
CA LEU A 323 0.53 -18.45 -16.67
C LEU A 323 -0.69 -18.56 -17.59
N PHE A 324 -0.47 -18.70 -18.89
CA PHE A 324 -1.54 -18.90 -19.90
C PHE A 324 -1.25 -20.14 -20.74
N ARG A 325 -2.27 -20.50 -21.52
CA ARG A 325 -2.28 -21.72 -22.35
C ARG A 325 -0.95 -21.82 -23.10
N ASP A 326 -0.60 -20.77 -23.86
CA ASP A 326 0.55 -20.82 -24.81
C ASP A 326 1.66 -19.85 -24.38
N TRP A 327 1.45 -19.07 -23.31
CA TRP A 327 2.34 -17.94 -22.95
C TRP A 327 2.57 -17.87 -21.44
N LEU A 328 3.83 -17.59 -21.09
CA LEU A 328 4.30 -16.95 -19.86
C LEU A 328 4.25 -15.44 -20.07
N VAL A 329 3.64 -14.71 -19.15
CA VAL A 329 3.77 -13.23 -19.11
C VAL A 329 4.39 -12.85 -17.79
N VAL A 330 5.42 -12.00 -17.85
CA VAL A 330 6.15 -11.54 -16.64
C VAL A 330 6.04 -10.02 -16.53
N GLU A 331 5.98 -9.57 -15.29
CA GLU A 331 6.07 -8.17 -14.83
C GLU A 331 7.53 -7.90 -14.48
N GLU A 332 8.15 -6.88 -15.09
CA GLU A 332 9.56 -6.55 -14.79
C GLU A 332 9.72 -5.04 -14.61
N ARG A 333 10.85 -4.65 -14.05
CA ARG A 333 11.34 -3.26 -14.05
C ARG A 333 12.73 -3.23 -14.67
N SER A 334 12.94 -2.32 -15.62
CA SER A 334 14.29 -1.99 -16.15
C SER A 334 14.37 -0.48 -16.31
N GLU A 335 15.48 0.15 -15.94
CA GLU A 335 15.77 1.59 -16.26
C GLU A 335 14.67 2.49 -15.71
N GLY A 336 14.02 2.10 -14.60
CA GLY A 336 12.99 2.92 -13.93
C GLY A 336 11.67 2.91 -14.68
N LEU A 337 11.45 1.88 -15.52
CA LEU A 337 10.15 1.57 -16.19
C LEU A 337 9.63 0.21 -15.70
N THR A 338 8.32 0.11 -15.42
CA THR A 338 7.60 -1.17 -15.30
C THR A 338 7.37 -1.68 -16.71
N GLN A 339 7.49 -2.98 -16.94
CA GLN A 339 7.31 -3.53 -18.29
C GLN A 339 6.60 -4.88 -18.16
N LEU A 340 6.05 -5.32 -19.29
CA LEU A 340 5.40 -6.64 -19.47
C LEU A 340 6.07 -7.29 -20.66
N ARG A 341 6.47 -8.55 -20.51
CA ARG A 341 7.09 -9.40 -21.56
C ARG A 341 6.32 -10.71 -21.61
N GLN A 342 6.16 -11.26 -22.81
CA GLN A 342 5.50 -12.55 -23.05
C GLN A 342 6.49 -13.45 -23.80
N ILE A 343 6.60 -14.70 -23.32
CA ILE A 343 7.48 -15.78 -23.85
C ILE A 343 6.60 -17.00 -24.16
N HIS A 344 6.63 -17.47 -25.41
CA HIS A 344 5.87 -18.66 -25.90
C HIS A 344 6.48 -19.94 -25.33
N TRP A 345 5.72 -20.76 -24.60
CA TRP A 345 6.21 -22.02 -24.00
C TRP A 345 6.92 -22.90 -25.06
N GLN A 346 6.43 -22.92 -26.29
CA GLN A 346 6.94 -23.81 -27.37
C GLN A 346 8.02 -23.13 -28.20
N SER A 347 7.71 -21.98 -28.81
CA SER A 347 8.59 -21.30 -29.81
C SER A 347 9.71 -20.57 -29.07
N GLY A 348 9.49 -20.17 -27.82
CA GLY A 348 10.37 -19.24 -27.10
C GLY A 348 10.24 -17.82 -27.62
N GLU A 349 9.33 -17.54 -28.56
CA GLU A 349 9.16 -16.16 -29.10
C GLU A 349 8.98 -15.17 -27.93
N VAL A 350 9.69 -14.05 -27.98
CA VAL A 350 9.60 -12.94 -26.99
C VAL A 350 8.90 -11.76 -27.64
N LYS A 351 7.91 -11.19 -26.96
CA LYS A 351 7.34 -9.86 -27.27
C LYS A 351 7.31 -8.99 -26.01
N ARG A 352 7.53 -7.69 -26.23
CA ARG A 352 7.44 -6.58 -25.26
C ARG A 352 6.09 -5.88 -25.49
N ILE A 353 5.36 -5.53 -24.43
CA ILE A 353 4.20 -4.59 -24.55
C ILE A 353 4.83 -3.20 -24.61
N ALA A 354 4.64 -2.48 -25.74
CA ALA A 354 5.27 -1.17 -26.03
C ALA A 354 4.33 0.00 -25.68
N PHE A 355 4.87 1.06 -25.07
CA PHE A 355 4.11 2.30 -24.72
C PHE A 355 4.85 3.52 -25.28
N ASP A 356 4.21 4.67 -25.26
CA ASP A 356 4.83 5.95 -25.67
C ASP A 356 4.45 7.01 -24.63
N ASP A 357 5.18 7.05 -23.51
CA ASP A 357 4.94 7.96 -22.36
C ASP A 357 6.17 7.89 -21.44
N PRO A 358 6.69 9.05 -20.99
CA PRO A 358 7.90 9.09 -20.18
C PRO A 358 7.69 8.64 -18.74
N THR A 359 6.45 8.73 -18.25
CA THR A 359 6.09 8.60 -16.82
C THR A 359 4.79 7.83 -16.66
N TYR A 360 4.88 6.53 -16.85
CA TYR A 360 3.74 5.59 -16.79
C TYR A 360 4.07 4.35 -15.96
N THR A 361 3.01 3.61 -15.67
CA THR A 361 3.05 2.30 -14.99
C THR A 361 2.13 1.36 -15.74
N THR A 362 2.56 0.10 -15.82
CA THR A 362 1.82 -1.04 -16.41
C THR A 362 1.98 -2.24 -15.48
N TRP A 363 0.96 -3.11 -15.45
CA TRP A 363 0.84 -4.25 -14.50
C TRP A 363 -0.15 -5.31 -15.03
N LEU A 364 0.08 -6.55 -14.60
CA LEU A 364 -0.84 -7.70 -14.78
C LEU A 364 -2.09 -7.44 -13.95
N ALA A 365 -3.24 -7.33 -14.63
CA ALA A 365 -4.57 -7.11 -14.01
C ALA A 365 -5.11 -8.49 -13.60
N TYR A 366 -6.41 -8.62 -13.30
CA TYR A 366 -7.02 -9.92 -12.92
C TYR A 366 -7.20 -10.82 -14.15
N ASN A 367 -6.58 -12.00 -14.16
CA ASN A 367 -6.69 -13.03 -15.24
C ASN A 367 -6.97 -14.39 -14.60
N PRO A 368 -8.23 -14.66 -14.18
CA PRO A 368 -8.51 -15.79 -13.31
C PRO A 368 -8.48 -17.13 -14.04
N GLU A 369 -8.62 -17.07 -15.38
CA GLU A 369 -8.69 -18.23 -16.30
C GLU A 369 -7.45 -18.24 -17.16
N PRO A 370 -6.64 -19.32 -17.13
CA PRO A 370 -5.45 -19.45 -17.96
C PRO A 370 -5.64 -19.96 -19.41
N GLU A 371 -6.77 -20.61 -19.70
CA GLU A 371 -7.06 -21.16 -21.05
C GLU A 371 -7.59 -20.02 -21.94
N THR A 372 -6.71 -19.07 -22.31
CA THR A 372 -7.00 -17.99 -23.28
C THR A 372 -5.73 -17.46 -23.92
N GLU A 373 -5.90 -16.70 -25.00
CA GLU A 373 -4.89 -15.82 -25.63
C GLU A 373 -5.04 -14.38 -25.13
N LEU A 374 -6.04 -14.09 -24.29
CA LEU A 374 -6.41 -12.71 -23.92
C LEU A 374 -5.82 -12.37 -22.54
N LEU A 375 -4.79 -11.54 -22.51
CA LEU A 375 -4.19 -10.96 -21.29
C LEU A 375 -4.90 -9.65 -20.98
N ARG A 376 -5.40 -9.50 -19.77
CA ARG A 376 -5.80 -8.15 -19.28
C ARG A 376 -4.64 -7.54 -18.50
N TYR A 377 -4.32 -6.29 -18.80
CA TYR A 377 -3.22 -5.57 -18.12
C TYR A 377 -3.68 -4.13 -17.92
N GLY A 378 -3.15 -3.47 -16.89
CA GLY A 378 -3.50 -2.09 -16.52
C GLY A 378 -2.41 -1.14 -16.96
N TYR A 379 -2.80 0.09 -17.29
CA TYR A 379 -1.91 1.20 -17.68
C TYR A 379 -2.40 2.47 -17.00
N SER A 380 -1.45 3.31 -16.57
CA SER A 380 -1.70 4.66 -16.01
C SER A 380 -0.44 5.50 -16.24
N SER A 381 -0.61 6.79 -16.49
CA SER A 381 0.50 7.76 -16.59
C SER A 381 0.10 9.04 -15.90
N MET A 382 1.06 9.91 -15.63
CA MET A 382 0.79 11.23 -15.00
C MET A 382 -0.19 12.07 -15.86
N THR A 383 -0.35 11.75 -17.15
CA THR A 383 -1.23 12.52 -18.06
C THR A 383 -2.41 11.67 -18.56
N THR A 384 -2.33 10.34 -18.50
CA THR A 384 -3.39 9.45 -19.03
C THR A 384 -4.06 8.70 -17.90
N PRO A 385 -5.36 8.94 -17.63
CA PRO A 385 -6.08 8.22 -16.57
C PRO A 385 -6.07 6.71 -16.77
N THR A 386 -6.18 6.01 -15.65
CA THR A 386 -6.00 4.55 -15.52
C THR A 386 -6.93 3.84 -16.50
N THR A 387 -6.37 2.87 -17.19
CA THR A 387 -7.04 2.16 -18.30
C THR A 387 -6.78 0.67 -18.13
N LEU A 388 -7.81 -0.17 -18.36
CA LEU A 388 -7.68 -1.64 -18.49
C LEU A 388 -7.67 -1.98 -19.97
N TYR A 389 -6.61 -2.66 -20.41
CA TYR A 389 -6.47 -3.19 -21.79
C TYR A 389 -6.60 -4.71 -21.73
N GLU A 390 -7.06 -5.27 -22.84
CA GLU A 390 -7.05 -6.72 -23.15
C GLU A 390 -6.20 -6.90 -24.41
N LEU A 391 -5.16 -7.73 -24.30
CA LEU A 391 -4.18 -7.98 -25.38
C LEU A 391 -4.35 -9.42 -25.86
N ASN A 392 -4.55 -9.58 -27.16
CA ASN A 392 -4.48 -10.90 -27.81
C ASN A 392 -3.00 -11.27 -27.91
N LEU A 393 -2.55 -12.24 -27.10
CA LEU A 393 -1.12 -12.59 -26.94
C LEU A 393 -0.54 -13.07 -28.27
N ASP A 394 -1.38 -13.63 -29.15
CA ASP A 394 -0.95 -14.29 -30.41
C ASP A 394 -0.91 -13.24 -31.50
N SER A 395 -1.98 -12.44 -31.61
CA SER A 395 -2.26 -11.51 -32.74
C SER A 395 -1.80 -10.08 -32.41
N ASP A 396 -1.53 -9.78 -31.13
CA ASP A 396 -1.07 -8.43 -30.66
C ASP A 396 -2.20 -7.37 -30.74
N GLU A 397 -3.44 -7.76 -31.06
CA GLU A 397 -4.64 -6.86 -31.01
C GLU A 397 -4.84 -6.38 -29.56
N ARG A 398 -4.74 -5.07 -29.33
CA ARG A 398 -4.88 -4.40 -27.99
C ARG A 398 -6.19 -3.62 -28.03
N VAL A 399 -7.18 -4.06 -27.25
CA VAL A 399 -8.48 -3.36 -27.12
C VAL A 399 -8.54 -2.74 -25.72
N MET A 400 -9.10 -1.54 -25.63
CA MET A 400 -9.41 -0.87 -24.35
C MET A 400 -10.69 -1.51 -23.78
N LEU A 401 -10.71 -1.86 -22.50
CA LEU A 401 -11.90 -2.42 -21.81
C LEU A 401 -12.56 -1.36 -20.94
N LYS A 402 -11.78 -0.51 -20.29
CA LYS A 402 -12.32 0.57 -19.44
C LYS A 402 -11.27 1.67 -19.30
N GLN A 403 -11.74 2.92 -19.30
CA GLN A 403 -10.96 4.12 -18.94
C GLN A 403 -11.53 4.65 -17.64
N GLN A 404 -10.66 5.12 -16.74
CA GLN A 404 -11.04 6.03 -15.62
C GLN A 404 -11.68 7.27 -16.22
N GLU A 405 -12.86 7.61 -15.75
CA GLU A 405 -13.59 8.82 -16.17
C GLU A 405 -13.18 9.99 -15.29
N VAL A 406 -12.80 11.11 -15.92
CA VAL A 406 -12.45 12.36 -15.23
C VAL A 406 -13.21 13.51 -15.89
N LYS A 407 -14.18 14.08 -15.17
CA LYS A 407 -14.99 15.22 -15.64
C LYS A 407 -14.10 16.46 -15.54
N ASN A 408 -14.31 17.39 -16.46
CA ASN A 408 -13.71 18.75 -16.45
C ASN A 408 -12.21 18.62 -16.69
N PHE A 409 -11.80 17.61 -17.46
CA PHE A 409 -10.37 17.25 -17.67
C PHE A 409 -10.03 17.23 -19.16
N THR A 410 -8.97 17.94 -19.52
CA THR A 410 -8.44 18.10 -20.89
C THR A 410 -6.99 17.63 -20.86
N PRO A 411 -6.72 16.36 -21.24
CA PRO A 411 -5.41 15.76 -20.98
C PRO A 411 -4.26 16.58 -21.59
N GLU A 412 -4.48 17.21 -22.75
CA GLU A 412 -3.42 17.94 -23.48
C GLU A 412 -3.06 19.24 -22.74
N ASN A 413 -3.81 19.66 -21.73
CA ASN A 413 -3.44 20.81 -20.87
C ASN A 413 -2.17 20.48 -20.05
N TYR A 414 -1.76 19.21 -19.92
CA TYR A 414 -0.70 18.78 -18.97
C TYR A 414 0.51 18.21 -19.72
N ARG A 415 1.70 18.40 -19.14
CA ARG A 415 2.98 17.85 -19.65
C ARG A 415 3.65 17.10 -18.52
N SER A 416 4.32 15.97 -18.82
CA SER A 416 5.16 15.23 -17.85
C SER A 416 6.58 15.04 -18.39
N GLU A 417 7.53 14.88 -17.48
CA GLU A 417 8.92 14.48 -17.80
C GLU A 417 9.47 13.45 -16.82
N ARG A 418 10.31 12.57 -17.34
CA ARG A 418 11.27 11.73 -16.60
C ARG A 418 12.55 12.55 -16.55
N VAL A 419 13.09 12.74 -15.35
CA VAL A 419 14.39 13.42 -15.12
C VAL A 419 15.24 12.46 -14.29
N TRP A 420 16.51 12.36 -14.63
CA TRP A 420 17.54 11.71 -13.78
C TRP A 420 18.39 12.78 -13.10
N VAL A 421 18.50 12.66 -11.79
CA VAL A 421 19.38 13.51 -10.93
C VAL A 421 20.60 12.70 -10.48
N LYS A 422 21.79 13.28 -10.63
CA LYS A 422 23.03 12.73 -10.06
C LYS A 422 23.05 13.08 -8.57
N ALA A 423 22.84 12.08 -7.71
CA ALA A 423 22.85 12.23 -6.25
C ALA A 423 24.30 12.53 -5.81
N ARG A 424 24.50 12.96 -4.57
CA ARG A 424 25.81 13.42 -4.02
C ARG A 424 26.87 12.31 -4.10
N ASP A 425 26.49 11.04 -4.09
CA ASP A 425 27.43 9.90 -4.21
C ASP A 425 27.57 9.46 -5.67
N GLY A 426 27.11 10.24 -6.65
CA GLY A 426 27.21 9.87 -8.07
C GLY A 426 26.10 8.93 -8.57
N VAL A 427 25.22 8.40 -7.70
CA VAL A 427 24.12 7.48 -8.12
C VAL A 427 23.00 8.28 -8.79
N GLU A 428 22.49 7.78 -9.93
CA GLU A 428 21.43 8.43 -10.75
C GLU A 428 20.06 8.09 -10.14
N VAL A 429 19.25 9.12 -9.82
CA VAL A 429 17.92 8.99 -9.18
C VAL A 429 16.86 9.43 -10.17
N PRO A 430 15.90 8.56 -10.50
CA PRO A 430 14.82 8.93 -11.41
C PRO A 430 13.76 9.76 -10.66
N VAL A 431 13.16 10.67 -11.40
CA VAL A 431 12.15 11.65 -10.95
C VAL A 431 11.08 11.66 -12.03
N SER A 432 9.80 11.62 -11.64
CA SER A 432 8.63 11.80 -12.54
C SER A 432 7.91 13.09 -12.13
N LEU A 433 7.67 14.02 -13.05
CA LEU A 433 6.95 15.26 -12.67
C LEU A 433 5.99 15.61 -13.78
N VAL A 434 4.94 16.34 -13.41
CA VAL A 434 3.81 16.77 -14.26
C VAL A 434 3.36 18.18 -13.85
N TYR A 435 2.80 18.89 -14.81
CA TYR A 435 2.41 20.32 -14.64
C TYR A 435 1.43 20.70 -15.74
N ARG A 436 0.73 21.81 -15.50
CA ARG A 436 -0.18 22.45 -16.49
C ARG A 436 0.66 23.32 -17.42
N HIS A 437 0.60 23.04 -18.72
CA HIS A 437 1.45 23.70 -19.74
C HIS A 437 1.27 25.23 -19.71
N ASP A 438 0.03 25.72 -19.70
CA ASP A 438 -0.24 27.15 -20.01
C ASP A 438 0.10 28.06 -18.81
N SER A 439 0.23 27.55 -17.58
CA SER A 439 0.60 28.34 -16.37
C SER A 439 2.08 28.17 -16.02
N PHE A 440 2.87 27.52 -16.89
CA PHE A 440 4.30 27.23 -16.62
C PHE A 440 5.21 28.34 -17.18
N ALA A 441 6.22 28.68 -16.38
CA ALA A 441 7.27 29.71 -16.62
C ALA A 441 8.45 29.38 -15.71
N ARG A 442 9.56 28.89 -16.27
CA ARG A 442 10.68 28.29 -15.48
C ARG A 442 11.05 29.20 -14.29
N GLY A 443 11.37 28.62 -13.14
CA GLY A 443 11.85 29.36 -11.95
C GLY A 443 10.70 30.01 -11.22
N THR A 444 9.47 29.80 -11.69
CA THR A 444 8.27 30.57 -11.25
C THR A 444 7.30 29.71 -10.43
N ASN A 445 7.16 28.44 -10.77
CA ASN A 445 6.04 27.57 -10.32
C ASN A 445 6.36 26.97 -8.94
N PRO A 446 5.37 26.95 -8.02
CA PRO A 446 5.48 26.18 -6.80
C PRO A 446 5.77 24.71 -7.15
N LEU A 447 6.47 24.03 -6.25
CA LEU A 447 6.86 22.61 -6.36
C LEU A 447 6.17 21.87 -5.21
N MET A 448 5.54 20.74 -5.50
CA MET A 448 5.13 19.71 -4.52
C MET A 448 5.93 18.47 -4.87
N VAL A 449 6.86 18.11 -3.98
CA VAL A 449 7.75 16.93 -4.11
C VAL A 449 7.23 15.84 -3.18
N TYR A 450 6.80 14.72 -3.73
CA TYR A 450 6.22 13.61 -2.93
C TYR A 450 7.23 12.47 -2.88
N GLY A 451 7.41 11.85 -1.71
CA GLY A 451 8.25 10.66 -1.56
C GLY A 451 7.70 9.67 -0.54
N TYR A 452 8.12 8.43 -0.67
CA TYR A 452 7.89 7.35 0.32
C TYR A 452 9.26 6.79 0.69
N GLY A 453 9.77 5.85 -0.10
CA GLY A 453 11.17 5.41 -0.04
C GLY A 453 11.46 4.43 1.08
N SER A 454 10.51 3.54 1.43
CA SER A 454 10.74 2.38 2.33
C SER A 454 10.13 1.08 1.75
N TYR A 455 10.66 -0.06 2.20
CA TYR A 455 10.07 -1.43 2.11
C TYR A 455 10.17 -1.98 0.67
N GLY A 456 10.88 -1.30 -0.22
CA GLY A 456 10.91 -1.71 -1.63
C GLY A 456 9.63 -1.31 -2.33
N SER A 457 8.76 -0.50 -1.71
CA SER A 457 7.51 -0.01 -2.36
C SER A 457 7.88 1.12 -3.32
N SER A 458 7.35 1.08 -4.54
CA SER A 458 7.71 2.05 -5.60
C SER A 458 6.59 3.07 -5.72
N MET A 459 6.90 4.36 -5.78
CA MET A 459 5.89 5.41 -6.09
C MET A 459 5.79 5.50 -7.61
N ASP A 460 5.14 4.51 -8.24
CA ASP A 460 5.13 4.38 -9.72
C ASP A 460 4.29 5.55 -10.26
N PRO A 461 4.75 6.21 -11.33
CA PRO A 461 4.06 7.38 -11.88
C PRO A 461 2.72 6.94 -12.48
N ALA A 462 1.62 7.50 -12.00
CA ALA A 462 0.26 7.14 -12.44
C ALA A 462 -0.60 8.39 -12.39
N PHE A 463 -1.83 8.28 -12.86
CA PHE A 463 -2.82 9.37 -12.86
C PHE A 463 -3.44 9.56 -11.47
N SER A 464 -3.65 10.82 -11.13
CA SER A 464 -4.43 11.27 -9.96
C SER A 464 -5.37 12.40 -10.40
N ALA A 465 -6.68 12.20 -10.24
CA ALA A 465 -7.72 13.22 -10.52
C ALA A 465 -7.56 14.34 -9.49
N SER A 466 -7.45 13.98 -8.20
CA SER A 466 -7.24 14.94 -7.08
C SER A 466 -6.03 15.82 -7.35
N ARG A 467 -4.97 15.26 -7.90
CA ARG A 467 -3.73 16.00 -8.19
C ARG A 467 -4.05 17.19 -9.09
N LEU A 468 -5.08 17.11 -9.94
CA LEU A 468 -5.46 18.23 -10.84
C LEU A 468 -5.69 19.53 -10.06
N SER A 469 -6.15 19.46 -8.81
CA SER A 469 -6.43 20.65 -7.99
C SER A 469 -5.13 21.43 -7.73
N LEU A 470 -3.97 20.76 -7.62
CA LEU A 470 -2.66 21.47 -7.54
C LEU A 470 -2.22 21.89 -8.96
N LEU A 471 -2.29 21.02 -9.97
CA LEU A 471 -1.80 21.33 -11.33
C LEU A 471 -2.50 22.58 -11.88
N ASP A 472 -3.81 22.70 -11.66
CA ASP A 472 -4.61 23.80 -12.25
C ASP A 472 -4.39 25.08 -11.44
N ARG A 473 -3.50 25.07 -10.46
CA ARG A 473 -3.18 26.26 -9.65
C ARG A 473 -1.66 26.46 -9.71
N GLY A 474 -1.02 26.04 -10.78
CA GLY A 474 0.35 26.48 -11.10
C GLY A 474 1.44 25.56 -10.56
N PHE A 475 1.08 24.48 -9.84
CA PHE A 475 2.04 23.58 -9.15
C PHE A 475 2.67 22.61 -10.15
N VAL A 476 3.94 22.34 -9.92
CA VAL A 476 4.67 21.21 -10.56
C VAL A 476 4.67 20.09 -9.52
N PHE A 477 4.03 18.95 -9.84
CA PHE A 477 3.96 17.76 -8.95
C PHE A 477 5.12 16.82 -9.31
N VAL A 478 5.89 16.44 -8.30
CA VAL A 478 7.11 15.61 -8.45
C VAL A 478 6.94 14.33 -7.62
N LEU A 479 7.14 13.18 -8.27
CA LEU A 479 7.48 11.90 -7.59
C LEU A 479 9.00 11.74 -7.57
N ALA A 480 9.60 11.70 -6.38
CA ALA A 480 11.05 11.47 -6.23
C ALA A 480 11.29 9.99 -5.88
N HIS A 481 11.81 9.23 -6.86
CA HIS A 481 11.90 7.75 -6.81
C HIS A 481 13.17 7.39 -6.04
N ILE A 482 13.20 7.80 -4.77
CA ILE A 482 14.43 7.81 -3.93
C ILE A 482 14.75 6.36 -3.52
N ARG A 483 16.00 6.15 -3.11
CA ARG A 483 16.49 4.84 -2.62
C ARG A 483 15.65 4.45 -1.39
N GLY A 484 15.42 3.16 -1.23
CA GLY A 484 14.48 2.64 -0.22
C GLY A 484 13.21 2.16 -0.89
N GLY A 485 12.85 2.79 -2.00
CA GLY A 485 11.78 2.32 -2.90
C GLY A 485 12.27 1.20 -3.80
N GLY A 486 11.43 0.75 -4.74
CA GLY A 486 11.74 -0.40 -5.61
C GLY A 486 11.88 -0.01 -7.06
N GLU A 487 11.92 1.28 -7.39
CA GLU A 487 11.82 1.73 -8.80
C GLU A 487 12.98 1.13 -9.60
N LEU A 488 14.18 1.02 -9.02
CA LEU A 488 15.33 0.38 -9.74
C LEU A 488 15.63 -1.02 -9.17
N GLY A 489 14.62 -1.73 -8.66
CA GLY A 489 14.77 -3.14 -8.24
C GLY A 489 15.28 -3.31 -6.80
N GLN A 490 15.63 -4.55 -6.45
CA GLN A 490 15.97 -4.95 -5.05
C GLN A 490 17.16 -4.12 -4.55
N LEU A 491 18.15 -3.84 -5.39
CA LEU A 491 19.34 -3.06 -4.98
C LEU A 491 18.97 -1.62 -4.61
N TRP A 492 17.99 -1.02 -5.30
CA TRP A 492 17.46 0.33 -4.96
C TRP A 492 16.84 0.33 -3.57
N TYR A 493 16.15 -0.76 -3.24
CA TYR A 493 15.57 -0.99 -1.90
C TYR A 493 16.72 -1.09 -0.88
N GLU A 494 17.66 -2.01 -1.11
CA GLU A 494 18.69 -2.35 -0.09
C GLU A 494 19.63 -1.16 0.15
N ASP A 495 19.85 -0.33 -0.87
CA ASP A 495 20.65 0.92 -0.77
C ASP A 495 19.84 2.06 -0.13
N GLY A 496 18.66 1.78 0.43
CA GLY A 496 17.76 2.76 1.08
C GLY A 496 17.16 2.24 2.39
N LYS A 497 17.81 1.26 3.05
CA LYS A 497 17.30 0.62 4.29
C LYS A 497 18.48 0.19 5.19
N LEU A 498 18.22 -0.09 6.47
CA LEU A 498 19.25 -0.54 7.46
C LEU A 498 20.41 0.47 7.45
N PHE A 499 21.66 0.02 7.25
CA PHE A 499 22.87 0.88 7.33
C PHE A 499 22.95 1.78 6.09
N LYS A 500 21.92 1.79 5.23
CA LYS A 500 21.92 2.65 4.02
C LYS A 500 20.75 3.64 4.05
N LYS A 501 20.03 3.73 5.17
CA LYS A 501 18.71 4.39 5.21
C LYS A 501 18.90 5.87 4.87
N GLN A 502 20.01 6.46 5.32
CA GLN A 502 20.32 7.90 5.08
C GLN A 502 20.22 8.23 3.57
N ASN A 503 20.51 7.30 2.66
CA ASN A 503 20.39 7.56 1.20
C ASN A 503 18.97 8.02 0.84
N THR A 504 17.96 7.52 1.55
CA THR A 504 16.54 7.85 1.28
C THR A 504 16.38 9.36 1.38
N PHE A 505 16.89 9.93 2.46
CA PHE A 505 16.71 11.36 2.79
C PHE A 505 17.64 12.18 1.89
N ASN A 506 18.89 11.73 1.74
CA ASN A 506 19.88 12.44 0.89
C ASN A 506 19.33 12.54 -0.54
N ASP A 507 18.76 11.44 -1.05
CA ASP A 507 18.17 11.38 -2.41
C ASP A 507 17.06 12.42 -2.55
N PHE A 508 16.20 12.57 -1.54
CA PHE A 508 15.03 13.49 -1.60
C PHE A 508 15.54 14.93 -1.69
N ILE A 509 16.54 15.26 -0.88
CA ILE A 509 17.13 16.62 -0.85
C ILE A 509 17.80 16.87 -2.22
N ASP A 510 18.59 15.91 -2.70
CA ASP A 510 19.41 16.04 -3.94
C ASP A 510 18.49 16.35 -5.13
N VAL A 511 17.42 15.55 -5.25
CA VAL A 511 16.34 15.70 -6.26
C VAL A 511 15.72 17.09 -6.18
N THR A 512 15.32 17.53 -4.99
CA THR A 512 14.68 18.86 -4.83
C THR A 512 15.67 19.94 -5.25
N GLU A 513 16.95 19.82 -4.84
CA GLU A 513 17.99 20.86 -5.13
C GLU A 513 18.17 20.99 -6.64
N ALA A 514 18.21 19.86 -7.35
CA ALA A 514 18.49 19.78 -8.80
C ALA A 514 17.31 20.39 -9.54
N LEU A 515 16.09 20.04 -9.15
CA LEU A 515 14.86 20.53 -9.80
C LEU A 515 14.84 22.07 -9.76
N ILE A 516 15.20 22.66 -8.63
CA ILE A 516 15.21 24.14 -8.44
C ILE A 516 16.34 24.73 -9.30
N ALA A 517 17.53 24.15 -9.22
CA ALA A 517 18.73 24.58 -9.96
C ALA A 517 18.42 24.66 -11.46
N GLN A 518 17.68 23.68 -12.00
CA GLN A 518 17.39 23.48 -13.44
C GLN A 518 16.11 24.25 -13.86
N GLY A 519 15.40 24.89 -12.94
CA GLY A 519 14.33 25.86 -13.27
C GLY A 519 12.92 25.28 -13.29
N TYR A 520 12.70 24.07 -12.76
CA TYR A 520 11.36 23.44 -12.68
C TYR A 520 10.46 24.22 -11.72
N GLY A 521 11.01 24.95 -10.73
CA GLY A 521 10.17 25.63 -9.73
C GLY A 521 10.81 26.84 -9.05
N ASP A 522 9.96 27.58 -8.33
CA ASP A 522 10.31 28.68 -7.41
C ASP A 522 10.99 28.13 -6.15
N ALA A 523 12.27 28.50 -5.94
CA ALA A 523 13.11 28.12 -4.79
C ALA A 523 12.48 28.57 -3.46
N LYS A 524 11.68 29.64 -3.48
CA LYS A 524 10.96 30.16 -2.28
C LYS A 524 9.63 29.43 -2.05
N ARG A 525 9.14 28.58 -2.97
CA ARG A 525 7.80 27.95 -2.87
C ARG A 525 7.91 26.46 -3.21
N VAL A 526 8.75 25.77 -2.44
CA VAL A 526 8.97 24.30 -2.50
C VAL A 526 8.26 23.67 -1.30
N PHE A 527 7.40 22.70 -1.61
CA PHE A 527 6.54 21.98 -0.65
C PHE A 527 6.77 20.48 -0.82
N ALA A 528 6.53 19.76 0.25
CA ALA A 528 6.77 18.29 0.27
C ALA A 528 5.71 17.65 1.15
N MET A 529 5.47 16.38 0.86
CA MET A 529 4.45 15.54 1.50
C MET A 529 4.99 14.10 1.56
N GLY A 530 4.66 13.39 2.63
CA GLY A 530 4.93 11.95 2.77
C GLY A 530 4.14 11.43 3.93
N GLY A 531 3.78 10.16 3.87
CA GLY A 531 2.98 9.52 4.92
C GLY A 531 3.64 8.27 5.46
N SER A 532 3.55 8.08 6.77
CA SER A 532 4.00 6.83 7.39
C SER A 532 5.53 6.73 7.31
N ALA A 533 6.11 5.77 6.59
CA ALA A 533 7.58 5.78 6.34
C ALA A 533 7.93 7.01 5.46
N GLY A 534 6.97 7.49 4.68
CA GLY A 534 7.07 8.80 4.00
C GLY A 534 7.08 9.96 5.01
N GLY A 535 6.51 9.75 6.19
CA GLY A 535 6.54 10.78 7.26
C GLY A 535 7.90 10.80 7.93
N LEU A 536 8.54 9.63 8.04
CA LEU A 536 9.96 9.50 8.48
C LEU A 536 10.81 10.35 7.53
N LEU A 537 10.57 10.18 6.24
CA LEU A 537 11.26 10.98 5.20
C LEU A 537 11.06 12.48 5.46
N MET A 538 9.81 12.95 5.59
CA MET A 538 9.51 14.38 5.85
C MET A 538 10.32 14.80 7.09
N GLY A 539 10.28 13.99 8.15
CA GLY A 539 10.84 14.34 9.48
C GLY A 539 12.35 14.50 9.43
N ALA A 540 13.04 13.56 8.79
CA ALA A 540 14.51 13.58 8.67
C ALA A 540 14.90 14.73 7.73
N VAL A 541 14.14 14.96 6.68
CA VAL A 541 14.62 15.94 5.67
C VAL A 541 14.50 17.34 6.28
N ILE A 542 13.48 17.62 7.08
CA ILE A 542 13.36 19.00 7.64
C ILE A 542 14.38 19.23 8.77
N ASN A 543 14.81 18.19 9.50
CA ASN A 543 15.91 18.34 10.48
C ASN A 543 17.22 18.68 9.75
N GLN A 544 17.52 17.95 8.67
CA GLN A 544 18.81 18.02 7.91
C GLN A 544 18.80 19.21 6.94
N ALA A 545 17.71 19.49 6.25
CA ALA A 545 17.67 20.57 5.24
C ALA A 545 16.44 21.45 5.47
N PRO A 546 16.36 22.11 6.65
CA PRO A 546 15.19 22.92 7.02
C PRO A 546 14.83 24.06 6.05
N GLU A 547 15.84 24.68 5.41
CA GLU A 547 15.69 25.88 4.56
C GLU A 547 15.15 25.50 3.16
N LEU A 548 15.31 24.24 2.76
CA LEU A 548 14.97 23.76 1.39
C LEU A 548 13.47 23.95 1.10
N PHE A 549 12.61 23.69 2.09
CA PHE A 549 11.14 23.70 1.92
C PHE A 549 10.52 24.90 2.62
N ASN A 550 9.53 25.47 1.97
CA ASN A 550 8.60 26.47 2.55
C ASN A 550 7.64 25.77 3.52
N GLY A 551 7.04 24.68 3.08
CA GLY A 551 5.94 24.00 3.80
C GLY A 551 5.92 22.50 3.57
N ILE A 552 5.48 21.76 4.57
CA ILE A 552 5.47 20.27 4.61
C ILE A 552 4.13 19.79 5.12
N VAL A 553 3.67 18.68 4.55
CA VAL A 553 2.59 17.84 5.13
C VAL A 553 3.19 16.50 5.53
N ALA A 554 3.14 16.13 6.80
CA ALA A 554 3.65 14.83 7.26
C ALA A 554 2.46 14.02 7.81
N GLN A 555 2.06 12.96 7.11
CA GLN A 555 0.88 12.12 7.41
C GLN A 555 1.33 10.96 8.29
N VAL A 556 0.59 10.73 9.38
CA VAL A 556 0.77 9.59 10.32
C VAL A 556 2.25 9.21 10.36
N PRO A 557 3.17 10.15 10.67
CA PRO A 557 4.59 9.91 10.44
C PRO A 557 5.30 9.08 11.50
N PHE A 558 6.13 8.14 11.03
CA PHE A 558 7.08 7.38 11.87
C PHE A 558 8.29 8.27 12.18
N VAL A 559 8.34 8.80 13.41
CA VAL A 559 9.34 9.84 13.81
C VAL A 559 10.05 9.50 15.11
N ASP A 560 9.47 8.65 16.00
CA ASP A 560 10.09 8.29 17.31
C ASP A 560 10.87 6.98 17.15
N VAL A 561 11.81 6.95 16.21
CA VAL A 561 12.27 5.69 15.58
C VAL A 561 13.06 4.87 16.62
N VAL A 562 14.01 5.47 17.31
CA VAL A 562 14.87 4.69 18.25
C VAL A 562 13.99 4.10 19.35
N THR A 563 13.16 4.92 19.99
CA THR A 563 12.33 4.51 21.16
C THR A 563 11.37 3.40 20.74
N THR A 564 10.58 3.62 19.69
CA THR A 564 9.61 2.61 19.20
C THR A 564 10.37 1.31 18.92
N MET A 565 11.54 1.36 18.31
CA MET A 565 12.23 0.15 17.80
C MET A 565 12.96 -0.57 18.95
N LEU A 566 13.04 0.03 20.13
CA LEU A 566 13.59 -0.56 21.38
C LEU A 566 12.50 -1.26 22.21
N ASP A 567 11.23 -1.20 21.81
CA ASP A 567 10.09 -1.67 22.63
C ASP A 567 9.19 -2.58 21.79
N GLU A 568 9.26 -3.89 22.05
CA GLU A 568 8.48 -4.94 21.33
C GLU A 568 7.00 -4.90 21.69
N SER A 569 6.61 -4.22 22.78
CA SER A 569 5.20 -4.00 23.22
C SER A 569 4.42 -3.18 22.16
N ILE A 570 5.14 -2.39 21.36
CA ILE A 570 4.52 -1.61 20.26
C ILE A 570 4.30 -2.57 19.11
N PRO A 571 3.05 -2.74 18.61
CA PRO A 571 2.78 -3.64 17.50
C PRO A 571 3.54 -3.12 16.26
N LEU A 572 4.13 -4.04 15.50
CA LEU A 572 4.89 -3.80 14.24
C LEU A 572 6.39 -3.88 14.53
N THR A 573 6.83 -3.62 15.78
CA THR A 573 8.27 -3.41 16.10
C THR A 573 9.02 -4.71 15.79
N THR A 574 8.53 -5.85 16.27
CA THR A 574 9.15 -7.20 16.04
C THR A 574 9.30 -7.46 14.54
N GLY A 575 8.40 -6.91 13.71
CA GLY A 575 8.31 -7.14 12.26
C GLY A 575 9.24 -6.27 11.43
N GLU A 576 9.87 -5.23 12.03
CA GLU A 576 10.48 -4.08 11.32
C GLU A 576 11.99 -4.03 11.51
N TYR A 577 12.59 -4.99 12.20
CA TYR A 577 14.05 -5.00 12.47
C TYR A 577 14.83 -5.13 11.16
N ASP A 578 14.24 -5.78 10.15
CA ASP A 578 14.87 -6.03 8.83
C ASP A 578 14.74 -4.79 7.94
N GLU A 579 13.99 -3.77 8.37
CA GLU A 579 13.86 -2.49 7.61
C GLU A 579 14.88 -1.49 8.16
N TRP A 580 14.73 -1.13 9.45
CA TRP A 580 15.47 -0.03 10.13
C TRP A 580 16.70 -0.63 10.83
N GLY A 581 16.57 -1.85 11.34
CA GLY A 581 17.59 -2.51 12.17
C GLY A 581 17.09 -2.62 13.60
N ASN A 582 17.89 -3.26 14.45
CA ASN A 582 17.51 -3.55 15.86
C ASN A 582 18.40 -2.71 16.77
N PRO A 583 17.90 -1.60 17.36
CA PRO A 583 18.74 -0.73 18.17
C PRO A 583 19.25 -1.32 19.49
N ASN A 584 18.85 -2.55 19.83
CA ASN A 584 19.42 -3.30 20.98
C ASN A 584 20.88 -3.65 20.65
N GLN A 585 21.23 -3.56 19.37
CA GLN A 585 22.61 -3.56 18.84
C GLN A 585 23.08 -2.11 18.65
N GLN A 586 24.24 -1.76 19.22
CA GLN A 586 24.77 -0.38 19.29
C GLN A 586 25.01 0.17 17.88
N ALA A 587 25.43 -0.69 16.95
CA ALA A 587 25.66 -0.27 15.55
C ALA A 587 24.36 0.34 15.04
N TYR A 588 23.24 -0.33 15.24
CA TYR A 588 21.93 0.15 14.71
C TYR A 588 21.44 1.34 15.53
N TYR A 589 21.58 1.27 16.85
CA TYR A 589 21.25 2.41 17.74
C TYR A 589 21.87 3.69 17.16
N ASP A 590 23.18 3.71 16.95
CA ASP A 590 23.93 4.91 16.49
C ASP A 590 23.45 5.30 15.09
N TYR A 591 23.30 4.34 14.18
CA TYR A 591 22.91 4.60 12.79
C TYR A 591 21.49 5.18 12.78
N ILE A 592 20.56 4.54 13.47
CA ILE A 592 19.14 4.99 13.53
C ILE A 592 19.07 6.33 14.28
N LEU A 593 19.80 6.50 15.38
CA LEU A 593 19.67 7.72 16.21
C LEU A 593 20.04 8.96 15.39
N GLN A 594 20.99 8.82 14.47
CA GLN A 594 21.50 9.93 13.64
C GLN A 594 20.33 10.58 12.88
N TYR A 595 19.35 9.82 12.39
CA TYR A 595 18.27 10.38 11.54
C TYR A 595 16.90 10.34 12.22
N SER A 596 16.72 9.57 13.30
CA SER A 596 15.46 9.50 14.06
C SER A 596 14.93 10.91 14.26
N PRO A 597 13.85 11.33 13.56
CA PRO A 597 13.42 12.72 13.58
C PRO A 597 13.10 13.30 14.97
N TYR A 598 12.35 12.57 15.83
CA TYR A 598 12.04 13.02 17.21
C TYR A 598 13.32 13.38 17.98
N ASP A 599 14.36 12.53 17.90
CA ASP A 599 15.61 12.72 18.67
C ASP A 599 16.44 13.87 18.08
N GLN A 600 16.28 14.22 16.79
CA GLN A 600 17.18 15.21 16.11
C GLN A 600 16.46 16.54 15.85
N VAL A 601 15.23 16.70 16.34
CA VAL A 601 14.59 18.04 16.47
C VAL A 601 15.57 18.90 17.27
N LYS A 602 15.96 20.05 16.72
CA LYS A 602 16.84 21.01 17.45
C LYS A 602 16.27 22.42 17.33
N ALA A 603 16.86 23.33 18.10
CA ALA A 603 16.49 24.74 18.19
C ALA A 603 16.95 25.44 16.91
N GLN A 604 16.11 25.39 15.88
CA GLN A 604 16.41 26.01 14.56
C GLN A 604 15.09 26.37 13.88
N ASP A 605 15.19 27.02 12.72
CA ASP A 605 14.03 27.49 11.95
C ASP A 605 13.50 26.30 11.16
N TYR A 606 12.22 25.98 11.30
CA TYR A 606 11.59 24.90 10.51
C TYR A 606 10.63 25.48 9.48
N PRO A 607 10.33 24.72 8.43
CA PRO A 607 9.24 25.09 7.54
C PRO A 607 7.89 25.03 8.27
N HIS A 608 6.90 25.72 7.72
CA HIS A 608 5.46 25.49 7.98
C HIS A 608 5.20 23.99 7.88
N MET A 609 4.36 23.47 8.76
CA MET A 609 4.08 22.03 8.74
C MET A 609 2.70 21.74 9.29
N LEU A 610 2.01 20.86 8.59
CA LEU A 610 0.78 20.17 9.02
C LEU A 610 1.12 18.72 9.28
N VAL A 611 0.83 18.25 10.49
CA VAL A 611 1.05 16.84 10.91
C VAL A 611 -0.32 16.22 11.20
N THR A 612 -0.57 15.02 10.69
CA THR A 612 -1.83 14.25 10.89
C THR A 612 -1.52 12.97 11.66
N THR A 613 -2.53 12.43 12.33
CA THR A 613 -2.44 11.16 13.11
C THR A 613 -3.86 10.68 13.44
N GLY A 614 -4.01 9.44 13.89
CA GLY A 614 -5.32 8.85 14.22
C GLY A 614 -5.27 8.24 15.59
N LEU A 615 -6.35 8.37 16.37
CA LEU A 615 -6.43 7.78 17.71
C LEU A 615 -6.65 6.26 17.57
N HIS A 616 -7.49 5.83 16.62
CA HIS A 616 -7.89 4.41 16.39
C HIS A 616 -6.89 3.73 15.43
N ASP A 617 -7.37 2.76 14.62
CA ASP A 617 -6.62 1.99 13.59
C ASP A 617 -5.43 2.81 13.07
N SER A 618 -4.20 2.34 13.29
CA SER A 618 -2.96 3.09 12.95
C SER A 618 -1.77 2.14 12.76
N GLN A 619 -0.97 2.39 11.71
CA GLN A 619 0.40 1.85 11.55
C GLN A 619 1.29 2.51 12.62
N VAL A 620 1.63 3.79 12.43
CA VAL A 620 2.31 4.63 13.47
C VAL A 620 1.26 4.99 14.52
N GLN A 621 1.55 4.70 15.79
CA GLN A 621 0.69 5.01 16.95
C GLN A 621 0.63 6.53 17.13
N TYR A 622 -0.53 7.03 17.56
CA TYR A 622 -0.86 8.48 17.64
C TYR A 622 0.22 9.25 18.39
N TRP A 623 0.95 8.65 19.33
CA TRP A 623 1.78 9.47 20.27
C TRP A 623 3.05 9.95 19.57
N GLU A 624 3.53 9.27 18.52
CA GLU A 624 4.77 9.69 17.82
C GLU A 624 4.59 11.11 17.29
N PRO A 625 3.64 11.37 16.36
CA PRO A 625 3.46 12.73 15.84
C PRO A 625 3.13 13.76 16.93
N ALA A 626 2.39 13.35 17.94
CA ALA A 626 1.97 14.23 19.05
C ALA A 626 3.21 14.68 19.84
N LYS A 627 4.07 13.73 20.21
CA LYS A 627 5.34 14.02 20.89
C LYS A 627 6.20 14.94 20.00
N TRP A 628 6.26 14.64 18.71
CA TRP A 628 7.08 15.37 17.71
C TRP A 628 6.69 16.85 17.70
N VAL A 629 5.40 17.12 17.55
CA VAL A 629 4.86 18.50 17.50
C VAL A 629 5.17 19.21 18.82
N ALA A 630 4.91 18.59 19.96
CA ALA A 630 5.19 19.19 21.28
C ALA A 630 6.67 19.58 21.39
N LYS A 631 7.61 18.71 21.01
CA LYS A 631 9.08 19.04 21.03
C LYS A 631 9.39 20.16 20.04
N LEU A 632 8.82 20.11 18.82
CA LEU A 632 9.03 21.16 17.79
C LEU A 632 8.54 22.49 18.36
N ARG A 633 7.35 22.55 18.97
CA ARG A 633 6.80 23.82 19.53
C ARG A 633 7.82 24.38 20.54
N GLU A 634 8.51 23.48 21.25
CA GLU A 634 9.34 23.81 22.43
C GLU A 634 10.70 24.36 21.95
N LEU A 635 11.25 23.86 20.84
CA LEU A 635 12.62 24.23 20.42
C LEU A 635 12.65 25.10 19.15
N LYS A 636 11.72 24.96 18.20
CA LYS A 636 11.85 25.65 16.88
C LYS A 636 11.96 27.16 17.14
N THR A 637 12.75 27.87 16.32
CA THR A 637 13.13 29.29 16.55
C THR A 637 12.32 30.22 15.64
N ASP A 638 11.67 29.65 14.62
CA ASP A 638 10.86 30.40 13.60
C ASP A 638 9.50 30.76 14.18
N ASP A 639 8.67 31.52 13.46
CA ASP A 639 7.28 31.84 13.86
C ASP A 639 6.28 31.36 12.79
N ARG A 640 6.55 30.22 12.15
CA ARG A 640 5.68 29.69 11.06
C ARG A 640 4.66 28.72 11.65
N GLN A 641 3.74 28.25 10.79
CA GLN A 641 2.58 27.41 11.17
C GLN A 641 3.07 26.01 11.52
N LEU A 642 2.71 25.52 12.70
CA LEU A 642 2.89 24.09 13.07
C LEU A 642 1.55 23.63 13.62
N LEU A 643 0.91 22.68 12.94
CA LEU A 643 -0.43 22.18 13.31
C LEU A 643 -0.40 20.67 13.43
N LEU A 644 -1.07 20.16 14.45
CA LEU A 644 -1.37 18.72 14.61
C LEU A 644 -2.89 18.55 14.46
N TYR A 645 -3.29 17.68 13.54
CA TYR A 645 -4.69 17.29 13.29
C TYR A 645 -4.79 15.82 13.64
N THR A 646 -5.53 15.49 14.71
CA THR A 646 -5.77 14.09 15.11
C THR A 646 -7.21 13.72 14.70
N ASP A 647 -7.36 12.74 13.80
CA ASP A 647 -8.66 12.12 13.41
C ASP A 647 -9.20 11.31 14.59
N MET A 648 -10.37 11.73 15.08
CA MET A 648 -11.18 11.18 16.21
C MET A 648 -12.34 10.29 15.67
N ASP A 649 -12.68 10.42 14.39
CA ASP A 649 -13.76 9.65 13.71
C ASP A 649 -13.35 8.18 13.66
N SER A 650 -14.34 7.29 13.74
CA SER A 650 -14.19 5.88 14.17
C SER A 650 -13.82 4.96 13.00
N GLY A 651 -13.97 5.42 11.75
CA GLY A 651 -13.65 4.63 10.54
C GLY A 651 -14.91 4.30 9.75
N HIS A 652 -14.88 4.47 8.43
CA HIS A 652 -16.06 4.37 7.52
C HIS A 652 -15.67 3.74 6.19
N GLY A 653 -16.29 2.61 5.83
CA GLY A 653 -16.02 1.82 4.61
C GLY A 653 -16.98 2.12 3.46
N GLY A 654 -17.94 3.02 3.68
CA GLY A 654 -18.95 3.40 2.67
C GLY A 654 -18.40 4.41 1.68
N LYS A 655 -19.25 4.89 0.78
CA LYS A 655 -18.94 5.99 -0.17
C LYS A 655 -18.57 7.26 0.63
N SER A 656 -19.19 7.48 1.79
CA SER A 656 -18.94 8.66 2.66
C SER A 656 -17.50 8.61 3.20
N GLY A 657 -16.97 7.41 3.49
CA GLY A 657 -15.58 7.16 3.89
C GLY A 657 -14.58 7.53 2.80
N ARG A 658 -14.95 7.37 1.52
CA ARG A 658 -14.19 7.89 0.35
C ARG A 658 -14.29 9.41 0.36
N PHE A 659 -15.48 9.97 0.64
CA PHE A 659 -15.71 11.43 0.73
C PHE A 659 -14.93 12.01 1.92
N LYS A 660 -14.73 11.26 3.01
CA LYS A 660 -13.84 11.74 4.11
C LYS A 660 -12.43 11.94 3.53
N ALA A 661 -11.92 10.96 2.78
CA ALA A 661 -10.56 11.01 2.18
C ALA A 661 -10.42 12.28 1.32
N TYR A 662 -11.47 12.69 0.60
CA TYR A 662 -11.44 13.92 -0.22
C TYR A 662 -11.35 15.14 0.70
N GLU A 663 -12.00 15.09 1.86
CA GLU A 663 -12.02 16.19 2.86
C GLU A 663 -10.60 16.41 3.40
N ASP A 664 -9.90 15.31 3.74
CA ASP A 664 -8.50 15.32 4.23
C ASP A 664 -7.62 15.92 3.13
N ILE A 665 -7.73 15.44 1.90
CA ILE A 665 -6.94 15.95 0.76
C ILE A 665 -7.19 17.47 0.66
N ALA A 666 -8.44 17.94 0.75
CA ALA A 666 -8.82 19.36 0.60
C ALA A 666 -8.17 20.18 1.71
N LEU A 667 -8.20 19.70 2.95
CA LEU A 667 -7.60 20.44 4.09
C LEU A 667 -6.09 20.58 3.87
N GLU A 668 -5.42 19.50 3.46
CA GLU A 668 -3.96 19.48 3.20
C GLU A 668 -3.64 20.41 2.01
N TYR A 669 -4.40 20.31 0.92
CA TYR A 669 -4.17 21.13 -0.29
C TYR A 669 -4.44 22.60 0.05
N ALA A 670 -5.47 22.90 0.83
CA ALA A 670 -5.78 24.30 1.21
C ALA A 670 -4.64 24.86 2.07
N PHE A 671 -4.03 24.04 2.93
CA PHE A 671 -2.89 24.42 3.79
C PHE A 671 -1.72 24.85 2.89
N ILE A 672 -1.36 23.99 1.95
CA ILE A 672 -0.22 24.26 1.02
C ILE A 672 -0.56 25.45 0.12
N LEU A 673 -1.75 25.47 -0.50
CA LEU A 673 -2.14 26.55 -1.44
C LEU A 673 -2.12 27.90 -0.73
N ALA A 674 -2.57 27.98 0.54
CA ALA A 674 -2.56 29.26 1.31
C ALA A 674 -1.11 29.77 1.45
N LEU A 675 -0.15 28.87 1.68
CA LEU A 675 1.29 29.20 1.87
C LEU A 675 1.91 29.70 0.56
N ALA A 676 1.46 29.21 -0.61
CA ALA A 676 2.07 29.42 -1.95
C ALA A 676 1.59 30.74 -2.57
N GLU A 677 0.43 31.25 -2.14
CA GLU A 677 -0.18 32.53 -2.62
C GLU A 677 0.89 33.60 -2.75
#